data_5AQM
#
_entry.id   5AQM
#
_cell.length_a   230.826
_cell.length_b   40.851
_cell.length_c   115.779
_cell.angle_alpha   90.00
_cell.angle_beta   90.52
_cell.angle_gamma   90.00
#
_symmetry.space_group_name_H-M   'C 1 2 1'
#
loop_
_entity.id
_entity.type
_entity.pdbx_description
1 polymer 'HEAT SHOCK COGNATE 71 KDA PROTEIN'
2 polymer 'BAG FAMILY MOLECULAR CHAPERONE REGULATOR 1'
3 non-polymer 2-AMINO-2-HYDROXYMETHYL-PROPANE-1,3-DIOL
4 non-polymer GLYCEROL
5 water water
#
loop_
_entity_poly.entity_id
_entity_poly.type
_entity_poly.pdbx_seq_one_letter_code
_entity_poly.pdbx_strand_id
1 'polypeptide(L)'
;GPLGSMSKGPAVGIDLGTTYSCVGVFQHGKVEIIANDQGNRTTPSYVAFTDTERLIGDAAKNQVAMNPTNTVFDAKRLIG
RRFDDAVVQSDMKHWPFMVVNDAGRPKVQVEYKGETKSFYPEEVSSMVLTKMKEIAEAYLGKTVTNAVVTVPAYFNDSQR
QATKDAGTIAGLNVLRIINEPTAAAIAYGLDKKVGAERNVLIFDLGGGTFDVSILTIEDGIFEVKSTAGDTHLGGEDFDN
RMVNHFIAEFKRKHKKDISENKRAVRRLRTACERAKRTLFSSTQASIEIDSLYEGIDFYTSITRARFEELNADLFRGTLD
PVEKALRDAKLDKSQIHDIVLVGGSTRIPKIQKLLQDFFNGKELNKSINPDEAVAYGAAVQAAILS
;
A,C
2 'polypeptide(L)'
;GPLGSNSPQEEVELKKLKHLEKSVEKIADQLEELNKELTGIQQGFLPKDLQAEALCKLDRRVKATIEQFMKILEEIDTLI
LPENFKDSRLKRKGLVKKVQAFLAECDTVEQNICQETE
;
B,D
#
loop_
_chem_comp.id
_chem_comp.type
_chem_comp.name
_chem_comp.formula
GOL non-polymer GLYCEROL 'C3 H8 O3'
TRS non-polymer 2-AMINO-2-HYDROXYMETHYL-PROPANE-1,3-DIOL 'C4 H12 N O3 1'
#
# COMPACT_ATOMS: atom_id res chain seq x y z
N SER A 5 -44.44 -5.06 14.57
CA SER A 5 -43.44 -3.99 14.55
C SER A 5 -42.02 -4.50 14.87
N MET A 6 -41.02 -3.73 14.42
CA MET A 6 -39.61 -4.04 14.54
C MET A 6 -39.09 -3.84 15.95
N SER A 7 -38.01 -4.57 16.32
CA SER A 7 -37.35 -4.44 17.62
C SER A 7 -36.40 -3.23 17.59
N LYS A 8 -35.91 -2.81 18.78
CA LYS A 8 -35.02 -1.66 18.93
C LYS A 8 -33.64 -1.96 18.36
N GLY A 9 -33.15 -1.04 17.54
CA GLY A 9 -31.84 -1.17 16.92
C GLY A 9 -30.73 -0.41 17.62
N PRO A 10 -29.51 -0.52 17.07
CA PRO A 10 -28.36 0.18 17.67
C PRO A 10 -28.35 1.67 17.36
N ALA A 11 -27.39 2.41 17.94
CA ALA A 11 -27.19 3.84 17.65
C ALA A 11 -26.35 3.96 16.38
N VAL A 12 -26.62 5.00 15.59
CA VAL A 12 -25.93 5.21 14.32
C VAL A 12 -25.10 6.50 14.32
N GLY A 13 -24.20 6.61 13.36
CA GLY A 13 -23.44 7.82 13.12
C GLY A 13 -23.85 8.43 11.81
N ILE A 14 -24.16 9.72 11.82
CA ILE A 14 -24.59 10.38 10.59
C ILE A 14 -23.75 11.58 10.24
N ASP A 15 -23.27 11.60 9.01
CA ASP A 15 -22.50 12.71 8.50
C ASP A 15 -23.51 13.44 7.65
N LEU A 16 -23.90 14.63 8.11
CA LEU A 16 -24.86 15.44 7.39
C LEU A 16 -24.01 16.39 6.58
N GLY A 17 -23.89 16.09 5.30
CA GLY A 17 -23.03 16.85 4.39
C GLY A 17 -23.75 17.90 3.58
N THR A 18 -22.98 18.83 3.00
CA THR A 18 -23.56 19.91 2.21
C THR A 18 -24.28 19.34 0.98
N THR A 19 -23.64 18.41 0.26
CA THR A 19 -24.24 17.82 -0.94
C THR A 19 -24.68 16.37 -0.74
N TYR A 20 -23.98 15.62 0.13
CA TYR A 20 -24.34 14.22 0.39
C TYR A 20 -24.25 13.93 1.89
N SER A 21 -25.00 12.95 2.34
CA SER A 21 -25.00 12.51 3.73
C SER A 21 -24.69 11.02 3.75
N CYS A 22 -24.22 10.54 4.88
CA CYS A 22 -23.76 9.17 4.99
C CYS A 22 -24.11 8.69 6.41
N VAL A 23 -24.58 7.44 6.53
CA VAL A 23 -24.95 6.85 7.83
C VAL A 23 -24.18 5.55 8.02
N GLY A 24 -23.59 5.38 9.19
CA GLY A 24 -22.87 4.17 9.55
C GLY A 24 -23.37 3.57 10.84
N VAL A 25 -23.07 2.28 11.05
CA VAL A 25 -23.42 1.62 12.28
C VAL A 25 -22.27 0.72 12.70
N PHE A 26 -21.93 0.75 13.98
CA PHE A 26 -20.89 -0.11 14.50
C PHE A 26 -21.55 -1.37 15.03
N GLN A 27 -21.20 -2.52 14.45
CA GLN A 27 -21.69 -3.80 14.95
C GLN A 27 -20.77 -4.94 14.55
N HIS A 28 -20.78 -6.00 15.34
CA HIS A 28 -19.91 -7.13 15.06
C HIS A 28 -18.46 -6.67 15.07
N GLY A 29 -18.17 -5.68 15.91
CA GLY A 29 -16.84 -5.14 16.08
C GLY A 29 -16.26 -4.26 14.98
N LYS A 30 -17.11 -3.81 14.07
CA LYS A 30 -16.67 -2.97 12.96
C LYS A 30 -17.77 -2.03 12.48
N VAL A 31 -17.38 -1.01 11.73
CA VAL A 31 -18.36 -0.09 11.17
C VAL A 31 -18.86 -0.60 9.83
N GLU A 32 -20.17 -0.55 9.66
CA GLU A 32 -20.76 -0.89 8.39
C GLU A 32 -21.38 0.42 7.88
N ILE A 33 -20.97 0.87 6.70
CA ILE A 33 -21.54 2.08 6.13
C ILE A 33 -22.77 1.55 5.40
N ILE A 34 -23.92 2.12 5.68
CA ILE A 34 -25.16 1.64 5.11
C ILE A 34 -25.58 2.17 3.75
N ALA A 35 -25.81 1.26 2.82
CA ALA A 35 -26.28 1.64 1.48
C ALA A 35 -27.75 2.03 1.57
N ASN A 36 -28.16 3.03 0.76
CA ASN A 36 -29.55 3.45 0.73
C ASN A 36 -30.37 2.52 -0.16
N ASP A 37 -31.66 2.84 -0.40
CA ASP A 37 -32.56 2.00 -1.21
C ASP A 37 -32.09 1.79 -2.64
N GLN A 38 -31.26 2.73 -3.15
CA GLN A 38 -30.70 2.61 -4.51
C GLN A 38 -29.31 1.94 -4.51
N GLY A 39 -28.87 1.49 -3.33
CA GLY A 39 -27.59 0.82 -3.16
C GLY A 39 -26.39 1.76 -3.05
N ASN A 40 -26.65 3.07 -2.84
CA ASN A 40 -25.60 4.07 -2.74
C ASN A 40 -25.20 4.27 -1.29
N ARG A 41 -23.89 4.25 -1.01
CA ARG A 41 -23.36 4.43 0.36
C ARG A 41 -23.38 5.89 0.83
N THR A 42 -23.68 6.83 -0.08
CA THR A 42 -23.94 8.22 0.30
C THR A 42 -25.27 8.59 -0.34
N THR A 43 -25.97 9.55 0.28
CA THR A 43 -27.30 9.98 -0.15
C THR A 43 -27.30 11.48 -0.39
N PRO A 44 -27.75 11.95 -1.56
CA PRO A 44 -27.79 13.42 -1.77
C PRO A 44 -28.60 14.13 -0.69
N SER A 45 -28.05 15.28 -0.20
CA SER A 45 -28.74 16.09 0.79
C SER A 45 -29.70 17.02 0.02
N TYR A 46 -30.66 16.38 -0.67
CA TYR A 46 -31.62 17.03 -1.55
C TYR A 46 -33.03 16.72 -1.12
N VAL A 47 -33.90 17.71 -1.23
CA VAL A 47 -35.33 17.55 -0.93
C VAL A 47 -36.07 18.24 -2.07
N ALA A 48 -37.01 17.55 -2.70
CA ALA A 48 -37.77 18.13 -3.80
C ALA A 48 -39.25 18.15 -3.46
N PHE A 49 -39.92 19.20 -3.91
CA PHE A 49 -41.35 19.39 -3.69
C PHE A 49 -41.99 19.42 -5.05
N THR A 50 -42.99 18.57 -5.27
CA THR A 50 -43.65 18.46 -6.55
C THR A 50 -45.14 18.71 -6.41
N ASP A 51 -45.84 18.57 -7.52
CA ASP A 51 -47.27 18.74 -7.57
C ASP A 51 -47.94 17.74 -6.65
N THR A 52 -47.38 16.54 -6.57
CA THR A 52 -47.96 15.48 -5.78
C THR A 52 -47.25 14.90 -4.54
N GLU A 53 -45.95 15.14 -4.39
CA GLU A 53 -45.24 14.59 -3.26
C GLU A 53 -43.91 15.26 -2.94
N ARG A 54 -43.34 14.89 -1.80
CA ARG A 54 -42.05 15.35 -1.36
C ARG A 54 -41.09 14.20 -1.59
N LEU A 55 -39.95 14.48 -2.20
CA LEU A 55 -38.92 13.49 -2.50
C LEU A 55 -37.64 13.84 -1.76
N ILE A 56 -36.94 12.83 -1.27
CA ILE A 56 -35.68 13.03 -0.55
C ILE A 56 -34.57 12.16 -1.12
N GLY A 57 -33.34 12.64 -1.02
CA GLY A 57 -32.17 11.94 -1.50
C GLY A 57 -32.06 11.67 -2.99
N ASP A 58 -31.71 10.45 -3.36
CA ASP A 58 -31.56 10.12 -4.79
C ASP A 58 -32.78 10.47 -5.63
N ALA A 59 -34.00 10.22 -5.12
CA ALA A 59 -35.24 10.52 -5.86
C ALA A 59 -35.37 12.03 -6.10
N ALA A 60 -34.88 12.86 -5.14
CA ALA A 60 -34.92 14.31 -5.30
C ALA A 60 -33.83 14.74 -6.30
N LYS A 61 -32.59 14.20 -6.15
CA LYS A 61 -31.49 14.60 -7.05
C LYS A 61 -31.82 14.21 -8.48
N ASN A 62 -32.43 13.04 -8.65
CA ASN A 62 -32.78 12.46 -9.96
C ASN A 62 -33.76 13.31 -10.78
N GLN A 63 -34.55 14.17 -10.14
CA GLN A 63 -35.52 14.99 -10.87
C GLN A 63 -35.17 16.49 -10.84
N VAL A 64 -33.94 16.84 -10.44
CA VAL A 64 -33.53 18.24 -10.35
C VAL A 64 -33.70 18.96 -11.71
N ALA A 65 -33.33 18.30 -12.82
CA ALA A 65 -33.44 18.90 -14.15
C ALA A 65 -34.91 19.22 -14.51
N MET A 66 -35.81 18.35 -14.08
CA MET A 66 -37.26 18.48 -14.26
C MET A 66 -37.95 19.56 -13.41
N ASN A 67 -37.43 19.75 -12.20
CA ASN A 67 -38.03 20.65 -11.21
C ASN A 67 -36.96 21.43 -10.44
N PRO A 68 -36.17 22.24 -11.12
CA PRO A 68 -35.08 22.98 -10.46
C PRO A 68 -35.45 24.01 -9.37
N THR A 69 -36.50 24.79 -9.56
CA THR A 69 -36.89 25.78 -8.56
C THR A 69 -37.44 25.23 -7.25
N ASN A 70 -37.94 24.00 -7.29
CA ASN A 70 -38.54 23.37 -6.12
C ASN A 70 -37.71 22.24 -5.53
N THR A 71 -36.44 22.12 -5.95
CA THR A 71 -35.49 21.12 -5.47
C THR A 71 -34.42 21.82 -4.62
N VAL A 72 -34.48 21.59 -3.32
CA VAL A 72 -33.61 22.25 -2.36
C VAL A 72 -32.40 21.38 -2.04
N PHE A 73 -31.25 22.03 -1.90
CA PHE A 73 -29.99 21.40 -1.54
C PHE A 73 -29.14 22.49 -0.88
N ASP A 74 -28.01 22.12 -0.30
CA ASP A 74 -27.13 23.11 0.33
C ASP A 74 -27.74 23.76 1.57
N ALA A 75 -28.68 23.08 2.22
CA ALA A 75 -29.31 23.65 3.40
C ALA A 75 -28.28 23.88 4.50
N LYS A 76 -27.24 23.06 4.50
CA LYS A 76 -26.15 23.13 5.49
C LYS A 76 -25.42 24.50 5.39
N ARG A 77 -25.45 25.12 4.18
CA ARG A 77 -24.84 26.44 3.98
C ARG A 77 -25.69 27.53 4.64
N LEU A 78 -26.97 27.23 4.89
CA LEU A 78 -27.89 28.17 5.51
C LEU A 78 -28.23 27.91 6.96
N ILE A 79 -28.05 26.68 7.40
CA ILE A 79 -28.46 26.33 8.74
C ILE A 79 -27.77 27.12 9.84
N GLY A 80 -28.60 27.64 10.74
CA GLY A 80 -28.15 28.41 11.88
C GLY A 80 -27.67 29.80 11.52
N ARG A 81 -27.82 30.21 10.26
CA ARG A 81 -27.36 31.55 9.87
C ARG A 81 -28.50 32.56 9.87
N ARG A 82 -28.14 33.84 9.97
CA ARG A 82 -29.07 34.98 9.84
C ARG A 82 -29.22 35.25 8.34
N PHE A 83 -30.37 35.81 7.94
CA PHE A 83 -30.59 36.11 6.51
C PHE A 83 -29.52 37.04 5.94
N ASP A 84 -29.14 38.03 6.72
CA ASP A 84 -28.16 39.04 6.32
C ASP A 84 -26.69 38.59 6.39
N ASP A 85 -26.46 37.35 6.78
CA ASP A 85 -25.12 36.80 6.84
C ASP A 85 -24.57 36.92 5.42
N ALA A 86 -23.30 37.31 5.30
CA ALA A 86 -22.66 37.50 4.00
C ALA A 86 -22.67 36.21 3.20
N VAL A 87 -22.51 35.10 3.90
CA VAL A 87 -22.51 33.77 3.26
C VAL A 87 -23.85 33.47 2.59
N VAL A 88 -24.98 33.73 3.30
CA VAL A 88 -26.31 33.53 2.77
C VAL A 88 -26.53 34.40 1.52
N GLN A 89 -26.19 35.71 1.63
CA GLN A 89 -26.38 36.62 0.51
C GLN A 89 -25.57 36.22 -0.71
N SER A 90 -24.31 35.77 -0.51
CA SER A 90 -23.45 35.34 -1.63
C SER A 90 -23.99 34.04 -2.26
N ASP A 91 -24.31 33.07 -1.41
CA ASP A 91 -24.81 31.77 -1.86
C ASP A 91 -26.14 31.80 -2.61
N MET A 92 -27.04 32.68 -2.19
CA MET A 92 -28.38 32.79 -2.78
C MET A 92 -28.34 33.09 -4.26
N LYS A 93 -27.35 33.85 -4.68
CA LYS A 93 -27.22 34.23 -6.08
C LYS A 93 -27.08 33.03 -7.00
N HIS A 94 -26.44 31.97 -6.51
CA HIS A 94 -26.23 30.77 -7.30
C HIS A 94 -27.25 29.61 -7.18
N TRP A 95 -28.24 29.73 -6.30
CA TRP A 95 -29.23 28.65 -6.14
C TRP A 95 -30.47 28.89 -6.99
N PRO A 96 -31.06 27.82 -7.59
CA PRO A 96 -32.27 28.02 -8.41
C PRO A 96 -33.54 28.19 -7.58
N PHE A 97 -33.51 27.80 -6.30
CA PHE A 97 -34.66 27.94 -5.41
C PHE A 97 -34.55 29.28 -4.69
N MET A 98 -35.69 29.78 -4.21
CA MET A 98 -35.76 31.08 -3.55
C MET A 98 -35.42 30.97 -2.09
N VAL A 99 -34.74 32.00 -1.57
CA VAL A 99 -34.44 32.12 -0.14
C VAL A 99 -35.05 33.46 0.27
N VAL A 100 -35.92 33.42 1.29
CA VAL A 100 -36.62 34.62 1.76
C VAL A 100 -36.23 34.95 3.19
N ASN A 101 -36.48 36.19 3.56
CA ASN A 101 -36.20 36.67 4.90
C ASN A 101 -37.47 36.58 5.76
N ASP A 102 -37.42 35.77 6.84
CA ASP A 102 -38.52 35.70 7.80
C ASP A 102 -38.03 36.23 9.15
N ALA A 103 -38.33 37.51 9.44
CA ALA A 103 -37.93 38.20 10.67
C ALA A 103 -36.41 38.01 10.99
N GLY A 104 -35.58 38.12 9.96
CA GLY A 104 -34.13 38.01 10.11
C GLY A 104 -33.54 36.64 9.83
N ARG A 105 -34.40 35.61 9.71
CA ARG A 105 -33.94 34.25 9.49
C ARG A 105 -34.22 33.80 8.06
N PRO A 106 -33.32 33.06 7.42
CA PRO A 106 -33.59 32.60 6.06
C PRO A 106 -34.59 31.44 6.03
N LYS A 107 -35.38 31.38 4.99
CA LYS A 107 -36.29 30.27 4.71
C LYS A 107 -36.19 29.97 3.25
N VAL A 108 -36.27 28.70 2.88
CA VAL A 108 -36.32 28.34 1.46
C VAL A 108 -37.80 28.40 1.10
N GLN A 109 -38.12 28.94 -0.08
CA GLN A 109 -39.51 29.05 -0.50
C GLN A 109 -39.71 28.21 -1.75
N VAL A 110 -40.73 27.38 -1.76
CA VAL A 110 -40.99 26.50 -2.89
C VAL A 110 -42.49 26.42 -3.19
N GLU A 111 -42.81 25.80 -4.33
CA GLU A 111 -44.19 25.44 -4.71
C GLU A 111 -44.30 23.96 -4.34
N TYR A 112 -45.31 23.61 -3.56
CA TYR A 112 -45.52 22.24 -3.11
C TYR A 112 -47.01 21.93 -3.17
N LYS A 113 -47.40 20.94 -4.00
CA LYS A 113 -48.81 20.58 -4.23
C LYS A 113 -49.69 21.81 -4.61
N GLY A 114 -49.14 22.66 -5.47
CA GLY A 114 -49.80 23.85 -5.99
C GLY A 114 -49.88 25.03 -5.04
N GLU A 115 -49.24 24.95 -3.88
CA GLU A 115 -49.25 26.03 -2.88
C GLU A 115 -47.81 26.50 -2.56
N THR A 116 -47.66 27.79 -2.22
CA THR A 116 -46.37 28.38 -1.81
C THR A 116 -46.10 27.99 -0.37
N LYS A 117 -44.97 27.31 -0.13
CA LYS A 117 -44.56 26.86 1.21
C LYS A 117 -43.14 27.32 1.50
N SER A 118 -42.86 27.61 2.78
CA SER A 118 -41.50 27.98 3.14
C SER A 118 -41.01 27.12 4.29
N PHE A 119 -39.71 26.81 4.29
CA PHE A 119 -39.13 25.96 5.31
C PHE A 119 -37.86 26.55 5.85
N TYR A 120 -37.68 26.42 7.17
CA TYR A 120 -36.43 26.84 7.80
C TYR A 120 -35.34 25.81 7.37
N PRO A 121 -34.04 26.20 7.35
CA PRO A 121 -33.01 25.23 6.94
C PRO A 121 -33.01 23.97 7.79
N GLU A 122 -33.27 24.10 9.12
CA GLU A 122 -33.31 22.92 10.00
C GLU A 122 -34.48 22.00 9.65
N GLU A 123 -35.58 22.54 9.08
CA GLU A 123 -36.68 21.68 8.64
C GLU A 123 -36.23 20.88 7.42
N VAL A 124 -35.51 21.52 6.48
CA VAL A 124 -34.98 20.83 5.30
C VAL A 124 -33.97 19.74 5.75
N SER A 125 -33.03 20.08 6.63
CA SER A 125 -32.05 19.12 7.14
C SER A 125 -32.72 18.01 7.94
N SER A 126 -33.86 18.31 8.59
CA SER A 126 -34.59 17.27 9.34
C SER A 126 -35.14 16.20 8.37
N MET A 127 -35.53 16.64 7.16
CA MET A 127 -36.06 15.74 6.13
C MET A 127 -34.93 14.84 5.62
N VAL A 128 -33.71 15.40 5.49
CA VAL A 128 -32.53 14.61 5.08
C VAL A 128 -32.21 13.61 6.21
N LEU A 129 -32.22 14.07 7.46
CA LEU A 129 -31.97 13.20 8.62
C LEU A 129 -33.01 12.08 8.72
N THR A 130 -34.27 12.38 8.44
CA THR A 130 -35.35 11.37 8.44
C THR A 130 -35.02 10.27 7.41
N LYS A 131 -34.54 10.68 6.24
CA LYS A 131 -34.17 9.70 5.19
C LYS A 131 -32.99 8.85 5.68
N MET A 132 -31.95 9.47 6.33
CA MET A 132 -30.81 8.71 6.85
C MET A 132 -31.25 7.70 7.90
N LYS A 133 -32.17 8.11 8.79
CA LYS A 133 -32.77 7.24 9.81
C LYS A 133 -33.52 6.05 9.12
N GLU A 134 -34.30 6.36 8.07
CA GLU A 134 -35.05 5.34 7.31
C GLU A 134 -34.12 4.35 6.58
N ILE A 135 -32.98 4.85 6.06
CA ILE A 135 -31.95 4.04 5.38
C ILE A 135 -31.37 3.05 6.40
N ALA A 136 -31.03 3.55 7.62
CA ALA A 136 -30.51 2.65 8.64
C ALA A 136 -31.55 1.58 9.04
N GLU A 137 -32.82 1.97 9.21
CA GLU A 137 -33.88 1.01 9.59
C GLU A 137 -34.14 -0.06 8.52
N ALA A 138 -34.09 0.34 7.23
CA ALA A 138 -34.32 -0.59 6.11
C ALA A 138 -33.20 -1.66 6.07
N TYR A 139 -31.96 -1.26 6.41
CA TYR A 139 -30.83 -2.18 6.40
C TYR A 139 -30.85 -3.10 7.63
N LEU A 140 -31.09 -2.52 8.81
CA LEU A 140 -31.02 -3.25 10.06
C LEU A 140 -32.21 -4.10 10.34
N GLY A 141 -33.36 -3.70 9.80
CA GLY A 141 -34.64 -4.37 10.05
C GLY A 141 -35.08 -4.12 11.48
N LYS A 142 -34.58 -3.03 12.08
CA LYS A 142 -34.86 -2.62 13.45
C LYS A 142 -35.09 -1.12 13.47
N THR A 143 -35.80 -0.60 14.48
CA THR A 143 -36.03 0.86 14.60
C THR A 143 -34.73 1.56 15.02
N VAL A 144 -34.47 2.75 14.49
CA VAL A 144 -33.28 3.53 14.84
C VAL A 144 -33.75 4.86 15.38
N THR A 145 -33.28 5.25 16.57
CA THR A 145 -33.65 6.51 17.18
C THR A 145 -32.39 7.29 17.61
N ASN A 146 -31.37 6.59 18.12
CA ASN A 146 -30.17 7.22 18.67
C ASN A 146 -29.11 7.48 17.60
N ALA A 147 -28.58 8.70 17.56
CA ALA A 147 -27.56 9.01 16.58
C ALA A 147 -26.57 10.06 17.03
N VAL A 148 -25.39 10.01 16.46
CA VAL A 148 -24.36 11.01 16.70
C VAL A 148 -24.36 11.70 15.35
N VAL A 149 -24.48 13.02 15.36
CA VAL A 149 -24.52 13.81 14.13
C VAL A 149 -23.31 14.72 14.10
N THR A 150 -22.69 14.87 12.94
CA THR A 150 -21.47 15.68 12.84
C THR A 150 -21.73 17.07 12.26
N VAL A 151 -20.84 18.02 12.59
CA VAL A 151 -20.93 19.40 12.07
C VAL A 151 -19.49 19.88 11.77
N PRO A 152 -19.32 20.90 10.91
CA PRO A 152 -17.96 21.43 10.71
C PRO A 152 -17.44 22.08 12.01
N ALA A 153 -16.13 22.01 12.20
CA ALA A 153 -15.44 22.56 13.38
C ALA A 153 -15.69 24.08 13.52
N TYR A 154 -15.91 24.77 12.40
CA TYR A 154 -16.12 26.21 12.39
C TYR A 154 -17.59 26.63 12.67
N PHE A 155 -18.53 25.66 12.82
CA PHE A 155 -19.92 26.02 13.10
C PHE A 155 -19.99 26.77 14.42
N ASN A 156 -20.75 27.87 14.43
CA ASN A 156 -20.92 28.67 15.66
C ASN A 156 -22.05 28.03 16.51
N ASP A 157 -22.42 28.67 17.67
CA ASP A 157 -23.49 28.16 18.54
C ASP A 157 -24.84 27.99 17.81
N SER A 158 -25.22 28.98 17.00
CA SER A 158 -26.49 28.99 16.27
C SER A 158 -26.54 27.84 15.24
N GLN A 159 -25.44 27.61 14.51
CA GLN A 159 -25.35 26.58 13.48
C GLN A 159 -25.41 25.18 14.14
N ARG A 160 -24.72 25.03 15.27
CA ARG A 160 -24.72 23.78 16.04
CA ARG A 160 -24.71 23.77 16.04
C ARG A 160 -26.11 23.49 16.59
N GLN A 161 -26.76 24.52 17.21
CA GLN A 161 -28.09 24.37 17.78
C GLN A 161 -29.12 24.01 16.71
N ALA A 162 -29.07 24.71 15.55
CA ALA A 162 -30.01 24.44 14.46
C ALA A 162 -29.85 22.99 13.92
N THR A 163 -28.60 22.45 13.93
CA THR A 163 -28.35 21.05 13.51
C THR A 163 -29.00 20.10 14.53
N LYS A 164 -28.82 20.38 15.84
CA LYS A 164 -29.42 19.57 16.90
C LYS A 164 -30.96 19.61 16.75
N ASP A 165 -31.52 20.80 16.43
CA ASP A 165 -32.96 20.99 16.24
C ASP A 165 -33.43 20.17 15.02
N ALA A 166 -32.61 20.10 13.93
CA ALA A 166 -32.96 19.27 12.75
C ALA A 166 -33.12 17.78 13.18
N GLY A 167 -32.21 17.33 14.04
CA GLY A 167 -32.22 15.98 14.61
C GLY A 167 -33.46 15.69 15.41
N THR A 168 -33.83 16.64 16.30
CA THR A 168 -35.04 16.55 17.12
C THR A 168 -36.32 16.49 16.25
N ILE A 169 -36.43 17.40 15.25
CA ILE A 169 -37.58 17.43 14.33
C ILE A 169 -37.70 16.05 13.59
N ALA A 170 -36.55 15.46 13.22
CA ALA A 170 -36.49 14.14 12.54
C ALA A 170 -36.84 12.97 13.45
N GLY A 171 -37.02 13.23 14.74
CA GLY A 171 -37.36 12.18 15.70
C GLY A 171 -36.15 11.38 16.15
N LEU A 172 -34.97 11.97 15.99
CA LEU A 172 -33.73 11.36 16.45
C LEU A 172 -33.40 11.85 17.84
N ASN A 173 -32.85 10.94 18.65
CA ASN A 173 -32.29 11.25 19.94
C ASN A 173 -30.80 11.48 19.64
N VAL A 174 -30.40 12.76 19.56
CA VAL A 174 -29.02 13.13 19.23
C VAL A 174 -28.16 12.94 20.46
N LEU A 175 -27.39 11.82 20.48
CA LEU A 175 -26.53 11.46 21.60
C LEU A 175 -25.44 12.51 21.83
N ARG A 176 -24.88 13.00 20.75
CA ARG A 176 -23.87 14.04 20.79
C ARG A 176 -23.70 14.64 19.41
N ILE A 177 -23.16 15.86 19.38
CA ILE A 177 -22.84 16.54 18.15
C ILE A 177 -21.34 16.62 18.24
N ILE A 178 -20.64 16.13 17.22
CA ILE A 178 -19.18 16.18 17.24
C ILE A 178 -18.67 16.80 15.94
N ASN A 179 -17.48 17.38 16.00
CA ASN A 179 -16.90 18.03 14.82
C ASN A 179 -16.51 17.01 13.79
N GLU A 180 -16.68 17.36 12.51
CA GLU A 180 -16.30 16.49 11.40
C GLU A 180 -14.80 16.07 11.46
N PRO A 181 -13.83 17.00 11.68
CA PRO A 181 -12.42 16.55 11.76
C PRO A 181 -12.17 15.61 12.94
N THR A 182 -12.86 15.82 14.08
CA THR A 182 -12.75 14.94 15.24
C THR A 182 -13.30 13.56 14.89
N ALA A 183 -14.47 13.50 14.20
CA ALA A 183 -15.04 12.21 13.76
C ALA A 183 -14.00 11.46 12.88
N ALA A 184 -13.33 12.18 11.96
CA ALA A 184 -12.33 11.56 11.08
C ALA A 184 -11.12 11.04 11.88
N ALA A 185 -10.66 11.80 12.89
CA ALA A 185 -9.55 11.36 13.74
C ALA A 185 -9.96 10.10 14.55
N ILE A 186 -11.23 10.08 15.03
CA ILE A 186 -11.77 8.95 15.81
C ILE A 186 -11.81 7.70 14.94
N ALA A 187 -12.23 7.85 13.67
CA ALA A 187 -12.30 6.74 12.71
C ALA A 187 -10.94 6.04 12.59
N TYR A 188 -9.84 6.82 12.56
CA TYR A 188 -8.48 6.28 12.47
C TYR A 188 -7.84 5.91 13.82
N GLY A 189 -8.58 6.03 14.93
CA GLY A 189 -8.05 5.70 16.25
C GLY A 189 -6.87 6.58 16.68
N LEU A 190 -6.83 7.83 16.19
CA LEU A 190 -5.71 8.73 16.53
C LEU A 190 -5.68 9.12 18.00
N ASP A 191 -6.79 9.05 18.70
CA ASP A 191 -6.83 9.36 20.14
C ASP A 191 -6.34 8.18 20.97
N LYS A 192 -6.21 6.98 20.34
CA LYS A 192 -5.79 5.75 21.00
C LYS A 192 -4.30 5.50 20.90
N LYS A 193 -3.59 6.29 20.10
CA LYS A 193 -2.15 6.13 19.95
C LYS A 193 -1.47 6.53 21.25
N VAL A 194 -0.59 5.67 21.74
CA VAL A 194 0.10 5.92 23.02
C VAL A 194 1.16 7.00 22.89
N GLY A 195 1.43 7.69 23.99
CA GLY A 195 2.43 8.75 24.01
C GLY A 195 1.91 10.12 24.35
N ALA A 196 2.64 11.14 23.92
CA ALA A 196 2.34 12.54 24.21
C ALA A 196 1.24 13.09 23.30
N GLU A 197 1.03 14.42 23.37
CA GLU A 197 0.10 15.19 22.55
C GLU A 197 0.36 14.93 21.08
N ARG A 198 -0.72 14.76 20.27
CA ARG A 198 -0.57 14.55 18.83
C ARG A 198 -1.22 15.69 18.08
N ASN A 199 -0.52 16.23 17.08
CA ASN A 199 -1.05 17.26 16.21
C ASN A 199 -1.53 16.56 14.96
N VAL A 200 -2.79 16.77 14.62
CA VAL A 200 -3.42 16.09 13.48
C VAL A 200 -3.89 17.12 12.48
N LEU A 201 -3.60 16.91 11.21
CA LEU A 201 -4.15 17.76 10.17
C LEU A 201 -5.19 16.94 9.39
N ILE A 202 -6.42 17.45 9.32
N ILE A 202 -6.41 17.46 9.30
CA ILE A 202 -7.53 16.83 8.57
CA ILE A 202 -7.50 16.81 8.56
C ILE A 202 -7.65 17.61 7.27
C ILE A 202 -7.66 17.59 7.27
N PHE A 203 -7.44 16.93 6.13
CA PHE A 203 -7.52 17.55 4.80
C PHE A 203 -8.82 17.03 4.18
N ASP A 204 -9.88 17.86 4.19
CA ASP A 204 -11.22 17.44 3.78
C ASP A 204 -11.66 18.14 2.52
N LEU A 205 -11.53 17.44 1.39
CA LEU A 205 -11.87 17.98 0.08
C LEU A 205 -12.92 17.07 -0.54
N GLY A 206 -14.17 17.39 -0.26
CA GLY A 206 -15.30 16.61 -0.71
C GLY A 206 -16.59 17.35 -0.58
N GLY A 207 -17.56 16.93 -1.39
CA GLY A 207 -18.89 17.49 -1.40
C GLY A 207 -19.01 18.98 -1.63
N GLY A 208 -18.11 19.57 -2.40
CA GLY A 208 -18.20 20.98 -2.79
C GLY A 208 -17.55 21.98 -1.84
N THR A 209 -16.93 21.49 -0.75
CA THR A 209 -16.21 22.33 0.21
C THR A 209 -14.82 21.80 0.44
N PHE A 210 -13.89 22.69 0.83
CA PHE A 210 -12.54 22.32 1.18
C PHE A 210 -12.30 22.82 2.61
N ASP A 211 -12.04 21.92 3.54
CA ASP A 211 -11.79 22.30 4.93
C ASP A 211 -10.52 21.65 5.40
N VAL A 212 -9.63 22.47 5.97
CA VAL A 212 -8.42 22.00 6.60
C VAL A 212 -8.62 22.31 8.08
N SER A 213 -8.37 21.34 8.94
CA SER A 213 -8.48 21.57 10.36
C SER A 213 -7.24 21.03 11.03
N ILE A 214 -6.75 21.74 12.05
CA ILE A 214 -5.68 21.18 12.83
C ILE A 214 -6.23 20.95 14.20
N LEU A 215 -6.02 19.73 14.73
CA LEU A 215 -6.47 19.36 16.05
C LEU A 215 -5.27 18.93 16.88
N THR A 216 -5.32 19.14 18.19
CA THR A 216 -4.34 18.56 19.09
C THR A 216 -5.10 17.59 19.96
N ILE A 217 -4.61 16.35 20.08
CA ILE A 217 -5.25 15.33 20.90
C ILE A 217 -4.30 15.10 22.03
N GLU A 218 -4.79 15.32 23.24
CA GLU A 218 -3.99 15.15 24.44
C GLU A 218 -4.82 14.50 25.50
N ASP A 219 -4.39 13.30 25.94
CA ASP A 219 -5.12 12.51 26.93
C ASP A 219 -6.60 12.31 26.51
N GLY A 220 -6.81 12.01 25.23
CA GLY A 220 -8.14 11.78 24.64
C GLY A 220 -9.02 13.00 24.41
N ILE A 221 -8.49 14.19 24.75
CA ILE A 221 -9.21 15.45 24.58
C ILE A 221 -8.80 16.05 23.25
N PHE A 222 -9.80 16.42 22.44
CA PHE A 222 -9.58 17.05 21.15
C PHE A 222 -9.76 18.55 21.29
N GLU A 223 -8.82 19.30 20.74
CA GLU A 223 -8.89 20.75 20.75
C GLU A 223 -8.68 21.15 19.32
N VAL A 224 -9.58 22.00 18.80
CA VAL A 224 -9.45 22.51 17.44
C VAL A 224 -8.48 23.69 17.57
N LYS A 225 -7.33 23.60 16.89
CA LYS A 225 -6.31 24.65 16.94
C LYS A 225 -6.52 25.69 15.84
N SER A 226 -6.92 25.25 14.65
CA SER A 226 -7.15 26.18 13.54
C SER A 226 -7.99 25.52 12.48
N THR A 227 -8.66 26.34 11.68
CA THR A 227 -9.47 25.89 10.55
C THR A 227 -9.17 26.83 9.39
N ALA A 228 -9.16 26.30 8.17
CA ALA A 228 -8.91 27.09 6.96
C ALA A 228 -9.58 26.35 5.81
N GLY A 229 -9.61 26.95 4.64
CA GLY A 229 -10.20 26.24 3.52
C GLY A 229 -10.79 27.15 2.47
N ASP A 230 -11.67 26.56 1.62
CA ASP A 230 -12.37 27.24 0.53
C ASP A 230 -13.79 26.65 0.55
N THR A 231 -14.78 27.50 0.79
CA THR A 231 -16.18 27.11 0.90
C THR A 231 -16.77 26.54 -0.39
N HIS A 232 -16.24 26.96 -1.53
CA HIS A 232 -16.75 26.48 -2.80
C HIS A 232 -15.66 25.93 -3.71
N LEU A 233 -15.13 24.77 -3.34
CA LEU A 233 -14.12 24.11 -4.14
C LEU A 233 -14.38 22.62 -4.09
N GLY A 234 -14.33 21.95 -5.24
CA GLY A 234 -14.53 20.51 -5.26
C GLY A 234 -14.50 19.92 -6.63
N GLY A 235 -14.94 18.68 -6.71
CA GLY A 235 -14.99 17.89 -7.93
C GLY A 235 -15.57 18.61 -9.11
N GLU A 236 -16.61 19.45 -8.88
CA GLU A 236 -17.26 20.17 -9.99
C GLU A 236 -16.28 21.14 -10.67
N ASP A 237 -15.37 21.76 -9.90
CA ASP A 237 -14.38 22.68 -10.48
C ASP A 237 -13.41 21.90 -11.36
N PHE A 238 -13.04 20.70 -10.90
CA PHE A 238 -12.09 19.86 -11.64
C PHE A 238 -12.77 19.32 -12.90
N ASP A 239 -14.05 18.96 -12.77
CA ASP A 239 -14.84 18.50 -13.93
C ASP A 239 -14.95 19.66 -14.94
N ASN A 240 -15.19 20.90 -14.45
N ASN A 240 -15.19 20.89 -14.47
CA ASN A 240 -15.32 22.13 -15.27
CA ASN A 240 -15.34 22.01 -15.39
C ASN A 240 -14.09 22.33 -16.17
C ASN A 240 -14.07 22.28 -16.22
N ARG A 241 -12.90 22.07 -15.63
CA ARG A 241 -11.67 22.26 -16.40
C ARG A 241 -11.63 21.25 -17.54
N MET A 242 -12.06 20.02 -17.27
CA MET A 242 -12.11 19.01 -18.30
C MET A 242 -13.10 19.38 -19.39
N VAL A 243 -14.25 19.91 -18.99
CA VAL A 243 -15.27 20.31 -19.95
C VAL A 243 -14.73 21.41 -20.86
N ASN A 244 -14.06 22.39 -20.28
CA ASN A 244 -13.50 23.45 -21.09
C ASN A 244 -12.48 22.90 -22.07
N HIS A 245 -11.68 21.94 -21.60
CA HIS A 245 -10.67 21.34 -22.45
C HIS A 245 -11.31 20.64 -23.65
N PHE A 246 -12.36 19.87 -23.39
CA PHE A 246 -13.07 19.17 -24.45
C PHE A 246 -13.83 20.08 -25.43
N ILE A 247 -14.45 21.12 -24.89
CA ILE A 247 -15.20 22.08 -25.74
C ILE A 247 -14.17 22.72 -26.70
N ALA A 248 -12.99 23.10 -26.16
CA ALA A 248 -11.92 23.70 -26.98
C ALA A 248 -11.43 22.69 -28.04
N GLU A 249 -11.26 21.43 -27.63
CA GLU A 249 -10.83 20.36 -28.53
C GLU A 249 -11.84 20.17 -29.67
N PHE A 250 -13.14 20.18 -29.35
CA PHE A 250 -14.20 20.04 -30.36
C PHE A 250 -14.16 21.23 -31.33
N LYS A 251 -13.92 22.46 -30.80
CA LYS A 251 -13.76 23.65 -31.65
C LYS A 251 -12.57 23.48 -32.60
N ARG A 252 -11.42 22.98 -32.09
CA ARG A 252 -10.22 22.80 -32.93
C ARG A 252 -10.44 21.75 -34.01
N LYS A 253 -10.97 20.60 -33.60
CA LYS A 253 -11.25 19.50 -34.53
C LYS A 253 -12.35 19.71 -35.56
N HIS A 254 -13.46 20.28 -35.12
CA HIS A 254 -14.61 20.47 -36.02
C HIS A 254 -15.08 21.89 -36.33
N LYS A 255 -14.44 22.89 -35.75
CA LYS A 255 -14.83 24.28 -35.98
C LYS A 255 -16.30 24.51 -35.62
N LYS A 256 -16.74 23.85 -34.56
CA LYS A 256 -18.10 23.98 -34.06
C LYS A 256 -18.03 24.16 -32.56
N ASP A 257 -18.90 25.03 -32.06
CA ASP A 257 -18.98 25.34 -30.65
C ASP A 257 -20.23 24.67 -30.10
N ILE A 258 -20.03 23.72 -29.19
CA ILE A 258 -21.14 22.97 -28.60
C ILE A 258 -21.66 23.56 -27.30
N SER A 259 -21.03 24.65 -26.86
CA SER A 259 -21.33 25.26 -25.57
C SER A 259 -22.74 25.77 -25.32
N GLU A 260 -23.47 26.15 -26.36
CA GLU A 260 -24.82 26.66 -26.15
C GLU A 260 -25.87 25.54 -26.23
N ASN A 261 -25.43 24.31 -26.53
CA ASN A 261 -26.35 23.19 -26.58
C ASN A 261 -26.25 22.52 -25.21
N LYS A 262 -27.24 22.80 -24.34
CA LYS A 262 -27.23 22.32 -22.95
C LYS A 262 -27.16 20.80 -22.85
N ARG A 263 -27.83 20.08 -23.78
CA ARG A 263 -27.79 18.63 -23.70
C ARG A 263 -26.43 18.09 -24.08
N ALA A 264 -25.76 18.70 -25.08
CA ALA A 264 -24.41 18.29 -25.50
C ALA A 264 -23.42 18.53 -24.36
N VAL A 265 -23.52 19.72 -23.73
CA VAL A 265 -22.63 20.05 -22.61
C VAL A 265 -22.88 19.07 -21.47
N ARG A 266 -24.15 18.72 -21.21
CA ARG A 266 -24.45 17.79 -20.13
C ARG A 266 -23.85 16.42 -20.43
N ARG A 267 -24.01 15.90 -21.65
CA ARG A 267 -23.45 14.58 -21.96
C ARG A 267 -21.93 14.60 -21.77
N LEU A 268 -21.31 15.67 -22.22
CA LEU A 268 -19.88 15.82 -22.08
C LEU A 268 -19.47 15.91 -20.59
N ARG A 269 -20.19 16.75 -19.79
CA ARG A 269 -19.91 16.94 -18.36
C ARG A 269 -20.04 15.60 -17.63
N THR A 270 -21.12 14.84 -17.91
CA THR A 270 -21.32 13.52 -17.27
C THR A 270 -20.16 12.57 -17.60
N ALA A 271 -19.74 12.55 -18.88
CA ALA A 271 -18.61 11.71 -19.30
C ALA A 271 -17.29 12.18 -18.62
N CYS A 272 -17.11 13.50 -18.44
CA CYS A 272 -15.92 14.04 -17.76
C CYS A 272 -15.88 13.61 -16.31
N GLU A 273 -17.02 13.64 -15.64
CA GLU A 273 -17.13 13.23 -14.25
C GLU A 273 -16.67 11.78 -14.10
N ARG A 274 -17.19 10.91 -14.97
CA ARG A 274 -16.83 9.52 -14.98
C ARG A 274 -15.34 9.34 -15.31
N ALA A 275 -14.81 10.06 -16.32
CA ALA A 275 -13.38 9.95 -16.70
C ALA A 275 -12.50 10.38 -15.51
N LYS A 276 -12.89 11.43 -14.80
CA LYS A 276 -12.16 11.91 -13.64
C LYS A 276 -12.03 10.76 -12.61
N ARG A 277 -13.12 10.04 -12.37
CA ARG A 277 -13.11 8.91 -11.45
C ARG A 277 -12.19 7.79 -11.95
N THR A 278 -12.24 7.50 -13.25
CA THR A 278 -11.37 6.49 -13.84
C THR A 278 -9.89 6.85 -13.60
N LEU A 279 -9.59 8.14 -13.71
CA LEU A 279 -8.23 8.65 -13.52
C LEU A 279 -7.72 8.48 -12.08
N PHE A 280 -8.61 8.19 -11.13
CA PHE A 280 -8.17 7.98 -9.77
C PHE A 280 -7.21 6.78 -9.72
N SER A 281 -7.54 5.73 -10.49
CA SER A 281 -6.73 4.52 -10.52
C SER A 281 -6.07 4.13 -11.85
N SER A 282 -6.45 4.79 -12.93
CA SER A 282 -5.93 4.55 -14.28
C SER A 282 -5.20 5.79 -14.76
N THR A 283 -4.26 5.62 -15.67
CA THR A 283 -3.50 6.76 -16.19
C THR A 283 -4.14 7.39 -17.42
N GLN A 284 -5.18 6.75 -17.94
CA GLN A 284 -5.87 7.29 -19.11
C GLN A 284 -7.34 6.91 -19.06
N ALA A 285 -8.17 7.75 -19.66
CA ALA A 285 -9.60 7.50 -19.73
C ALA A 285 -10.10 7.77 -21.14
N SER A 286 -10.96 6.90 -21.66
CA SER A 286 -11.50 7.10 -23.00
C SER A 286 -12.95 7.50 -22.91
N ILE A 287 -13.39 8.28 -23.89
CA ILE A 287 -14.75 8.78 -23.96
C ILE A 287 -15.25 8.61 -25.38
N GLU A 288 -16.40 7.95 -25.54
CA GLU A 288 -17.03 7.81 -26.84
C GLU A 288 -18.46 8.32 -26.74
N ILE A 289 -18.75 9.47 -27.36
CA ILE A 289 -20.09 10.03 -27.36
C ILE A 289 -20.58 10.12 -28.80
N ASP A 290 -21.50 9.23 -29.19
CA ASP A 290 -22.04 9.30 -30.54
C ASP A 290 -22.96 10.54 -30.70
N SER A 291 -22.89 11.20 -31.86
CA SER A 291 -23.79 12.29 -32.20
C SER A 291 -23.85 13.33 -31.06
N LEU A 292 -22.69 13.80 -30.65
CA LEU A 292 -22.61 14.78 -29.55
C LEU A 292 -23.27 16.10 -29.97
N TYR A 293 -22.97 16.57 -31.18
CA TYR A 293 -23.44 17.87 -31.64
C TYR A 293 -23.46 17.88 -33.14
N GLU A 294 -24.60 18.30 -33.73
CA GLU A 294 -24.81 18.32 -35.19
C GLU A 294 -24.42 16.98 -35.84
N GLY A 295 -24.76 15.90 -35.14
CA GLY A 295 -24.55 14.53 -35.59
C GLY A 295 -23.11 14.03 -35.54
N ILE A 296 -22.17 14.85 -35.04
CA ILE A 296 -20.75 14.50 -35.01
C ILE A 296 -20.46 13.61 -33.79
N ASP A 297 -19.80 12.47 -34.04
CA ASP A 297 -19.38 11.54 -32.97
C ASP A 297 -18.11 12.09 -32.35
N PHE A 298 -18.03 12.07 -31.02
CA PHE A 298 -16.85 12.59 -30.32
C PHE A 298 -16.15 11.46 -29.61
N TYR A 299 -15.05 10.97 -30.19
CA TYR A 299 -14.27 9.87 -29.63
C TYR A 299 -12.94 10.46 -29.23
N THR A 300 -12.67 10.47 -27.94
CA THR A 300 -11.44 11.09 -27.45
C THR A 300 -10.93 10.39 -26.19
N SER A 301 -9.87 10.94 -25.62
CA SER A 301 -9.29 10.39 -24.41
C SER A 301 -8.57 11.50 -23.68
N ILE A 302 -8.25 11.23 -22.43
CA ILE A 302 -7.51 12.16 -21.60
C ILE A 302 -6.60 11.36 -20.67
N THR A 303 -5.34 11.79 -20.54
CA THR A 303 -4.41 11.13 -19.62
C THR A 303 -4.55 11.75 -18.24
N ARG A 304 -4.09 11.03 -17.21
CA ARG A 304 -4.06 11.56 -15.86
C ARG A 304 -3.15 12.82 -15.86
N ALA A 305 -2.01 12.79 -16.61
CA ALA A 305 -1.10 13.93 -16.70
C ALA A 305 -1.83 15.19 -17.24
N ARG A 306 -2.66 15.06 -18.31
CA ARG A 306 -3.41 16.19 -18.87
C ARG A 306 -4.43 16.70 -17.85
N PHE A 307 -5.14 15.77 -17.19
CA PHE A 307 -6.11 16.11 -16.15
C PHE A 307 -5.42 16.96 -15.06
N GLU A 308 -4.21 16.55 -14.65
CA GLU A 308 -3.43 17.25 -13.65
C GLU A 308 -3.03 18.64 -14.14
N GLU A 309 -2.59 18.75 -15.39
CA GLU A 309 -2.20 20.04 -16.00
C GLU A 309 -3.34 21.04 -16.02
N LEU A 310 -4.53 20.58 -16.47
CA LEU A 310 -5.75 21.40 -16.57
C LEU A 310 -6.17 21.96 -15.21
N ASN A 311 -5.87 21.22 -14.15
CA ASN A 311 -6.24 21.58 -12.79
C ASN A 311 -5.05 22.01 -11.89
N ALA A 312 -3.85 22.20 -12.46
CA ALA A 312 -2.62 22.47 -11.70
C ALA A 312 -2.74 23.56 -10.65
N ASP A 313 -3.34 24.72 -11.00
CA ASP A 313 -3.49 25.85 -10.06
C ASP A 313 -4.44 25.51 -8.93
N LEU A 314 -5.52 24.80 -9.24
CA LEU A 314 -6.51 24.42 -8.21
C LEU A 314 -5.93 23.41 -7.24
N PHE A 315 -5.18 22.41 -7.74
CA PHE A 315 -4.56 21.40 -6.86
C PHE A 315 -3.48 22.03 -6.00
N ARG A 316 -2.53 22.76 -6.60
CA ARG A 316 -1.46 23.38 -5.83
C ARG A 316 -2.01 24.42 -4.81
N GLY A 317 -3.15 25.04 -5.13
CA GLY A 317 -3.83 26.00 -4.27
C GLY A 317 -4.41 25.39 -3.00
N THR A 318 -4.59 24.04 -2.98
CA THR A 318 -5.10 23.39 -1.74
C THR A 318 -4.05 23.47 -0.61
N LEU A 319 -2.77 23.70 -0.94
CA LEU A 319 -1.72 23.83 0.07
C LEU A 319 -1.73 25.19 0.77
N ASP A 320 -2.39 26.22 0.19
CA ASP A 320 -2.46 27.55 0.83
C ASP A 320 -3.26 27.50 2.15
N PRO A 321 -4.49 26.91 2.21
CA PRO A 321 -5.17 26.75 3.51
C PRO A 321 -4.38 25.83 4.47
N VAL A 322 -3.59 24.85 3.94
CA VAL A 322 -2.74 24.00 4.81
C VAL A 322 -1.72 24.91 5.52
N GLU A 323 -1.04 25.75 4.73
CA GLU A 323 -0.06 26.68 5.30
C GLU A 323 -0.72 27.68 6.25
N LYS A 324 -1.92 28.18 5.89
CA LYS A 324 -2.65 29.12 6.74
C LYS A 324 -3.07 28.48 8.07
N ALA A 325 -3.58 27.23 8.03
CA ALA A 325 -3.98 26.51 9.25
C ALA A 325 -2.75 26.26 10.15
N LEU A 326 -1.59 25.91 9.56
CA LEU A 326 -0.34 25.71 10.31
C LEU A 326 0.11 26.99 11.00
N ARG A 327 0.04 28.12 10.28
CA ARG A 327 0.41 29.41 10.85
C ARG A 327 -0.55 29.80 11.98
N ASP A 328 -1.87 29.61 11.80
CA ASP A 328 -2.88 29.91 12.84
C ASP A 328 -2.75 29.01 14.07
N ALA A 329 -2.29 27.76 13.87
CA ALA A 329 -2.11 26.80 14.96
C ALA A 329 -0.75 26.98 15.64
N LYS A 330 0.11 27.85 15.08
CA LYS A 330 1.46 28.15 15.56
C LYS A 330 2.34 26.88 15.55
N LEU A 331 2.25 26.12 14.46
CA LEU A 331 3.00 24.88 14.31
C LEU A 331 3.77 24.78 12.99
N ASP A 332 4.92 24.13 13.04
CA ASP A 332 5.74 23.87 11.87
C ASP A 332 5.08 22.64 11.24
N LYS A 333 5.26 22.43 9.95
CA LYS A 333 4.69 21.26 9.29
C LYS A 333 5.29 19.98 9.88
N SER A 334 6.56 20.05 10.26
CA SER A 334 7.26 18.91 10.87
C SER A 334 6.64 18.50 12.21
N GLN A 335 5.79 19.35 12.76
CA GLN A 335 5.14 19.08 14.03
C GLN A 335 3.82 18.32 13.89
N ILE A 336 3.43 18.03 12.65
CA ILE A 336 2.17 17.31 12.44
C ILE A 336 2.42 15.80 12.47
N HIS A 337 1.88 15.16 13.50
CA HIS A 337 1.97 13.72 13.70
C HIS A 337 1.16 12.85 12.75
N ASP A 338 -0.05 13.31 12.41
CA ASP A 338 -0.98 12.52 11.57
C ASP A 338 -1.66 13.39 10.55
N ILE A 339 -1.77 12.87 9.32
CA ILE A 339 -2.47 13.57 8.23
C ILE A 339 -3.60 12.63 7.82
N VAL A 340 -4.82 13.14 7.79
CA VAL A 340 -6.03 12.36 7.45
C VAL A 340 -6.68 12.93 6.19
N LEU A 341 -7.04 12.03 5.24
CA LEU A 341 -7.70 12.45 4.00
C LEU A 341 -9.17 12.16 4.10
N VAL A 342 -10.00 13.19 3.90
CA VAL A 342 -11.45 13.08 3.95
C VAL A 342 -12.00 13.71 2.65
N GLY A 343 -13.11 13.17 2.13
CA GLY A 343 -13.77 13.72 0.94
C GLY A 343 -13.30 13.08 -0.34
N GLY A 344 -14.23 12.87 -1.27
CA GLY A 344 -13.99 12.18 -2.52
C GLY A 344 -12.85 12.69 -3.37
N SER A 345 -12.60 14.03 -3.40
CA SER A 345 -11.50 14.56 -4.22
C SER A 345 -10.12 14.16 -3.74
N THR A 346 -10.01 13.69 -2.47
CA THR A 346 -8.70 13.25 -1.97
C THR A 346 -8.27 11.93 -2.62
N ARG A 347 -9.12 11.32 -3.46
CA ARG A 347 -8.77 10.11 -4.19
C ARG A 347 -7.85 10.47 -5.36
N ILE A 348 -7.76 11.78 -5.71
CA ILE A 348 -6.90 12.23 -6.80
C ILE A 348 -5.43 12.03 -6.40
N PRO A 349 -4.69 11.15 -7.14
CA PRO A 349 -3.27 10.90 -6.80
C PRO A 349 -2.42 12.15 -6.72
N LYS A 350 -2.64 13.15 -7.62
CA LYS A 350 -1.85 14.37 -7.58
C LYS A 350 -2.06 15.14 -6.26
N ILE A 351 -3.30 15.16 -5.76
CA ILE A 351 -3.59 15.85 -4.49
C ILE A 351 -2.83 15.15 -3.35
N GLN A 352 -2.86 13.80 -3.33
CA GLN A 352 -2.16 13.00 -2.33
C GLN A 352 -0.67 13.26 -2.41
N LYS A 353 -0.11 13.27 -3.65
CA LYS A 353 1.31 13.51 -3.89
C LYS A 353 1.73 14.89 -3.40
N LEU A 354 0.97 15.95 -3.73
CA LEU A 354 1.27 17.32 -3.30
C LEU A 354 1.29 17.43 -1.77
N LEU A 355 0.33 16.78 -1.11
CA LEU A 355 0.24 16.82 0.36
C LEU A 355 1.35 15.99 1.02
N GLN A 356 1.62 14.77 0.50
CA GLN A 356 2.69 13.92 1.02
C GLN A 356 4.06 14.60 0.83
N ASP A 357 4.31 15.22 -0.36
CA ASP A 357 5.57 15.95 -0.64
C ASP A 357 5.71 17.14 0.29
N PHE A 358 4.61 17.87 0.54
CA PHE A 358 4.62 19.01 1.46
C PHE A 358 5.06 18.56 2.86
N PHE A 359 4.60 17.39 3.31
CA PHE A 359 4.93 16.84 4.62
C PHE A 359 6.15 15.91 4.58
N ASN A 360 7.06 16.14 3.61
CA ASN A 360 8.33 15.44 3.42
C ASN A 360 8.22 13.90 3.43
N GLY A 361 7.31 13.37 2.61
CA GLY A 361 7.15 11.92 2.45
C GLY A 361 6.33 11.20 3.49
N LYS A 362 5.77 11.92 4.46
CA LYS A 362 4.95 11.33 5.51
C LYS A 362 3.73 10.59 4.95
N GLU A 363 3.48 9.35 5.42
CA GLU A 363 2.35 8.53 5.00
C GLU A 363 1.05 9.18 5.43
N LEU A 364 0.02 9.08 4.57
CA LEU A 364 -1.27 9.68 4.84
C LEU A 364 -2.26 8.62 5.33
N ASN A 365 -3.17 9.03 6.23
CA ASN A 365 -4.25 8.17 6.71
C ASN A 365 -5.34 8.28 5.65
N LYS A 366 -5.48 7.23 4.83
CA LYS A 366 -6.39 7.26 3.68
C LYS A 366 -7.10 5.94 3.43
N SER A 367 -6.80 4.88 4.20
CA SER A 367 -7.37 3.54 4.01
C SER A 367 -8.89 3.49 4.16
N ILE A 368 -9.47 4.38 4.96
CA ILE A 368 -10.93 4.45 5.10
C ILE A 368 -11.48 5.26 3.90
N ASN A 369 -12.57 4.81 3.30
CA ASN A 369 -13.14 5.54 2.18
C ASN A 369 -13.29 6.98 2.62
N PRO A 370 -12.72 7.90 1.85
CA PRO A 370 -12.78 9.32 2.22
C PRO A 370 -14.19 9.89 2.35
N ASP A 371 -15.12 9.42 1.52
CA ASP A 371 -16.51 9.85 1.54
C ASP A 371 -17.25 9.40 2.79
N GLU A 372 -16.71 8.38 3.44
CA GLU A 372 -17.36 7.72 4.59
C GLU A 372 -16.67 7.87 5.93
N ALA A 373 -15.42 8.44 5.97
CA ALA A 373 -14.64 8.53 7.19
C ALA A 373 -15.32 9.28 8.31
N VAL A 374 -16.04 10.34 7.98
CA VAL A 374 -16.73 11.13 9.01
C VAL A 374 -17.88 10.34 9.60
N ALA A 375 -18.72 9.69 8.73
CA ALA A 375 -19.80 8.84 9.24
C ALA A 375 -19.21 7.68 10.04
N TYR A 376 -18.07 7.14 9.60
CA TYR A 376 -17.37 6.03 10.25
C TYR A 376 -17.04 6.44 11.71
N GLY A 377 -16.40 7.61 11.88
CA GLY A 377 -16.04 8.10 13.20
C GLY A 377 -17.26 8.39 14.07
N ALA A 378 -18.31 8.96 13.45
CA ALA A 378 -19.58 9.23 14.14
C ALA A 378 -20.21 7.92 14.64
N ALA A 379 -20.16 6.85 13.83
CA ALA A 379 -20.72 5.53 14.18
C ALA A 379 -19.93 4.92 15.36
N VAL A 380 -18.59 5.10 15.39
CA VAL A 380 -17.71 4.66 16.49
C VAL A 380 -18.15 5.43 17.74
N GLN A 381 -18.27 6.77 17.64
CA GLN A 381 -18.71 7.59 18.77
C GLN A 381 -20.11 7.16 19.30
N ALA A 382 -21.05 6.85 18.39
CA ALA A 382 -22.40 6.42 18.73
C ALA A 382 -22.37 5.13 19.52
N ALA A 383 -21.47 4.21 19.14
CA ALA A 383 -21.33 2.92 19.83
C ALA A 383 -20.76 3.14 21.25
N ILE A 384 -19.79 4.07 21.38
CA ILE A 384 -19.17 4.42 22.67
C ILE A 384 -20.22 4.99 23.61
N LEU A 385 -21.12 5.83 23.08
CA LEU A 385 -22.16 6.48 23.89
C LEU A 385 -23.38 5.58 24.18
N SER A 386 -23.46 4.39 23.58
CA SER A 386 -24.54 3.42 23.81
C SER A 386 -24.34 2.65 25.12
N GLY B 4 -15.90 -11.45 -40.89
CA GLY B 4 -16.53 -12.60 -40.25
C GLY B 4 -15.72 -13.16 -39.10
N SER B 5 -15.35 -12.27 -38.15
CA SER B 5 -14.55 -12.55 -36.95
C SER B 5 -15.35 -12.22 -35.66
N ASN B 6 -16.67 -12.42 -35.70
CA ASN B 6 -17.60 -12.19 -34.55
C ASN B 6 -17.07 -12.83 -33.29
N SER B 7 -16.90 -12.03 -32.24
CA SER B 7 -16.34 -12.52 -30.99
C SER B 7 -17.39 -12.75 -29.89
N PRO B 8 -17.14 -13.68 -28.94
CA PRO B 8 -18.08 -13.82 -27.81
C PRO B 8 -18.12 -12.52 -27.00
N GLN B 9 -16.99 -11.77 -26.95
CA GLN B 9 -16.94 -10.50 -26.21
C GLN B 9 -17.96 -9.47 -26.69
N GLU B 10 -18.12 -9.34 -28.03
CA GLU B 10 -19.09 -8.42 -28.61
C GLU B 10 -20.53 -8.79 -28.21
N GLU B 11 -20.85 -10.08 -28.03
CA GLU B 11 -22.19 -10.52 -27.61
C GLU B 11 -22.59 -9.82 -26.31
N VAL B 12 -21.61 -9.60 -25.41
CA VAL B 12 -21.82 -8.91 -24.14
C VAL B 12 -22.30 -7.46 -24.41
N GLU B 13 -21.62 -6.76 -25.31
CA GLU B 13 -21.97 -5.37 -25.66
C GLU B 13 -23.31 -5.29 -26.37
N LEU B 14 -23.56 -6.27 -27.27
CA LEU B 14 -24.83 -6.30 -27.99
C LEU B 14 -26.00 -6.52 -27.02
N LYS B 15 -25.80 -7.36 -25.99
CA LYS B 15 -26.82 -7.60 -24.98
C LYS B 15 -27.08 -6.30 -24.19
N LYS B 16 -26.01 -5.54 -23.85
CA LYS B 16 -26.17 -4.25 -23.15
C LYS B 16 -27.02 -3.30 -24.00
N LEU B 17 -26.71 -3.25 -25.30
CA LEU B 17 -27.44 -2.39 -26.25
C LEU B 17 -28.89 -2.81 -26.43
N LYS B 18 -29.17 -4.13 -26.43
CA LYS B 18 -30.54 -4.63 -26.52
C LYS B 18 -31.36 -4.21 -25.30
N HIS B 19 -30.76 -4.25 -24.11
CA HIS B 19 -31.43 -3.82 -22.89
C HIS B 19 -31.76 -2.33 -22.98
N LEU B 20 -30.81 -1.54 -23.47
CA LEU B 20 -30.99 -0.09 -23.65
C LEU B 20 -32.06 0.19 -24.70
N GLU B 21 -32.10 -0.63 -25.79
CA GLU B 21 -33.16 -0.50 -26.79
C GLU B 21 -34.54 -0.75 -26.15
N LYS B 22 -34.66 -1.78 -25.30
CA LYS B 22 -35.92 -2.09 -24.61
C LYS B 22 -36.32 -0.93 -23.70
N SER B 23 -35.35 -0.35 -22.96
CA SER B 23 -35.58 0.79 -22.08
C SER B 23 -36.08 2.01 -22.88
N VAL B 24 -35.52 2.22 -24.07
CA VAL B 24 -35.92 3.30 -24.97
C VAL B 24 -37.35 3.09 -25.46
N GLU B 25 -37.70 1.84 -25.80
CA GLU B 25 -39.05 1.49 -26.27
C GLU B 25 -40.09 1.86 -25.22
N LYS B 26 -39.80 1.61 -23.91
CA LYS B 26 -40.71 1.94 -22.82
C LYS B 26 -40.93 3.46 -22.75
N ILE B 27 -39.85 4.23 -22.84
CA ILE B 27 -39.97 5.70 -22.79
C ILE B 27 -40.71 6.19 -24.04
N ALA B 28 -40.40 5.61 -25.21
CA ALA B 28 -41.04 5.98 -26.47
C ALA B 28 -42.57 5.73 -26.41
N ASP B 29 -43.02 4.70 -25.67
CA ASP B 29 -44.46 4.44 -25.47
C ASP B 29 -45.10 5.60 -24.69
N GLN B 30 -44.36 6.15 -23.71
CA GLN B 30 -44.83 7.28 -22.91
C GLN B 30 -44.94 8.51 -23.83
N LEU B 31 -43.94 8.70 -24.69
CA LEU B 31 -43.93 9.80 -25.66
C LEU B 31 -45.13 9.63 -26.63
N GLU B 32 -45.37 8.39 -27.08
CA GLU B 32 -46.48 8.09 -27.99
C GLU B 32 -47.81 8.52 -27.38
N GLU B 33 -48.02 8.23 -26.08
CA GLU B 33 -49.24 8.64 -25.42
C GLU B 33 -49.34 10.17 -25.32
N LEU B 34 -48.22 10.84 -25.03
CA LEU B 34 -48.16 12.31 -24.99
C LEU B 34 -48.51 12.90 -26.35
N ASN B 35 -47.96 12.32 -27.44
CA ASN B 35 -48.21 12.79 -28.81
C ASN B 35 -49.69 12.63 -29.17
N LYS B 36 -50.28 11.48 -28.81
CA LYS B 36 -51.70 11.22 -29.07
C LYS B 36 -52.56 12.20 -28.26
N GLU B 37 -52.20 12.45 -27.00
CA GLU B 37 -52.95 13.39 -26.17
C GLU B 37 -52.84 14.80 -26.68
N LEU B 38 -51.64 15.21 -27.15
CA LEU B 38 -51.43 16.54 -27.70
C LEU B 38 -52.28 16.70 -28.98
N THR B 39 -52.19 15.74 -29.91
CA THR B 39 -52.99 15.75 -31.14
C THR B 39 -54.47 15.83 -30.78
N GLY B 40 -54.88 15.03 -29.81
CA GLY B 40 -56.26 14.95 -29.31
C GLY B 40 -56.79 16.28 -28.84
N ILE B 41 -55.95 17.04 -28.09
CA ILE B 41 -56.29 18.39 -27.60
C ILE B 41 -56.35 19.39 -28.76
N GLN B 42 -55.33 19.41 -29.65
CA GLN B 42 -55.25 20.34 -30.78
C GLN B 42 -56.39 20.15 -31.79
N GLN B 43 -56.79 18.89 -32.03
CA GLN B 43 -57.82 18.55 -33.01
C GLN B 43 -59.20 18.20 -32.38
N GLY B 44 -59.27 18.23 -31.06
CA GLY B 44 -60.47 17.87 -30.29
C GLY B 44 -61.50 18.95 -30.15
N PHE B 45 -62.55 18.62 -29.36
CA PHE B 45 -63.71 19.47 -29.16
C PHE B 45 -63.69 20.19 -27.81
N LEU B 46 -62.51 20.30 -27.16
CA LEU B 46 -62.50 21.07 -25.90
C LEU B 46 -62.78 22.53 -26.20
N PRO B 47 -63.62 23.22 -25.38
CA PRO B 47 -63.83 24.67 -25.61
C PRO B 47 -62.46 25.34 -25.62
N LYS B 48 -62.23 26.21 -26.63
CA LYS B 48 -60.94 26.92 -26.83
C LYS B 48 -60.41 27.50 -25.53
N ASP B 49 -61.32 27.86 -24.62
CA ASP B 49 -61.03 28.40 -23.29
C ASP B 49 -60.33 27.42 -22.35
N LEU B 50 -60.62 26.08 -22.47
CA LEU B 50 -60.08 25.01 -21.60
C LEU B 50 -58.90 24.24 -22.24
N GLN B 51 -58.61 24.52 -23.51
CA GLN B 51 -57.52 23.86 -24.23
C GLN B 51 -56.15 24.16 -23.61
N ALA B 52 -55.89 25.45 -23.26
CA ALA B 52 -54.61 25.88 -22.64
C ALA B 52 -54.28 25.06 -21.40
N GLU B 53 -55.27 24.87 -20.51
CA GLU B 53 -55.10 24.09 -19.28
C GLU B 53 -54.77 22.62 -19.58
N ALA B 54 -55.50 21.98 -20.54
CA ALA B 54 -55.28 20.59 -20.93
C ALA B 54 -53.85 20.40 -21.46
N LEU B 55 -53.38 21.36 -22.27
CA LEU B 55 -52.05 21.30 -22.84
C LEU B 55 -50.99 21.46 -21.75
N CYS B 56 -51.17 22.46 -20.87
CA CYS B 56 -50.13 22.67 -19.87
C CYS B 56 -50.04 21.53 -18.85
N LYS B 57 -51.11 20.70 -18.72
CA LYS B 57 -51.12 19.53 -17.84
C LYS B 57 -50.14 18.44 -18.32
N LEU B 58 -49.67 18.51 -19.59
CA LEU B 58 -48.70 17.58 -20.15
C LEU B 58 -47.26 17.92 -19.73
N ASP B 59 -47.05 19.13 -19.17
CA ASP B 59 -45.71 19.63 -18.83
C ASP B 59 -44.87 18.66 -17.98
N ARG B 60 -45.44 18.17 -16.89
CA ARG B 60 -44.69 17.30 -15.98
C ARG B 60 -44.24 16.04 -16.71
N ARG B 61 -45.17 15.41 -17.42
CA ARG B 61 -44.87 14.19 -18.17
C ARG B 61 -43.85 14.39 -19.26
N VAL B 62 -43.96 15.48 -20.04
CA VAL B 62 -42.99 15.67 -21.11
C VAL B 62 -41.58 15.91 -20.52
N LYS B 63 -41.49 16.68 -19.44
CA LYS B 63 -40.18 16.90 -18.84
C LYS B 63 -39.60 15.58 -18.30
N ALA B 64 -40.45 14.73 -17.71
CA ALA B 64 -40.01 13.44 -17.16
C ALA B 64 -39.51 12.55 -18.32
N THR B 65 -40.21 12.60 -19.47
CA THR B 65 -39.84 11.82 -20.65
C THR B 65 -38.47 12.27 -21.17
N ILE B 66 -38.28 13.60 -21.32
CA ILE B 66 -36.99 14.19 -21.75
C ILE B 66 -35.87 13.69 -20.84
N GLU B 67 -36.08 13.79 -19.49
CA GLU B 67 -35.06 13.37 -18.54
C GLU B 67 -34.72 11.88 -18.69
N GLN B 68 -35.76 11.03 -18.90
CA GLN B 68 -35.51 9.60 -19.06
C GLN B 68 -34.64 9.33 -20.28
N PHE B 69 -34.90 10.06 -21.37
CA PHE B 69 -34.10 9.90 -22.59
C PHE B 69 -32.67 10.38 -22.35
N MET B 70 -32.51 11.50 -21.63
CA MET B 70 -31.17 12.01 -21.34
C MET B 70 -30.36 11.01 -20.50
N LYS B 71 -31.03 10.32 -19.54
CA LYS B 71 -30.35 9.30 -18.74
C LYS B 71 -29.93 8.11 -19.60
N ILE B 72 -30.73 7.77 -20.61
CA ILE B 72 -30.38 6.70 -21.55
C ILE B 72 -29.13 7.13 -22.33
N LEU B 73 -29.12 8.36 -22.86
CA LEU B 73 -27.91 8.83 -23.57
C LEU B 73 -26.68 8.75 -22.70
N GLU B 74 -26.80 9.14 -21.42
CA GLU B 74 -25.65 9.12 -20.51
C GLU B 74 -25.15 7.67 -20.28
N GLU B 75 -26.09 6.72 -20.21
CA GLU B 75 -25.72 5.31 -20.08
C GLU B 75 -25.03 4.80 -21.37
N ILE B 76 -25.59 5.13 -22.54
CA ILE B 76 -24.98 4.71 -23.82
C ILE B 76 -23.55 5.30 -23.90
N ASP B 77 -23.37 6.56 -23.41
CA ASP B 77 -22.09 7.28 -23.41
C ASP B 77 -21.00 6.62 -22.57
N THR B 78 -21.34 5.60 -21.75
CA THR B 78 -20.36 4.85 -20.92
C THR B 78 -19.73 3.71 -21.72
N LEU B 79 -20.33 3.34 -22.85
CA LEU B 79 -19.81 2.25 -23.65
C LEU B 79 -18.54 2.62 -24.41
N ILE B 80 -17.62 1.67 -24.50
CA ILE B 80 -16.40 1.86 -25.28
C ILE B 80 -16.43 0.68 -26.22
N LEU B 81 -16.50 0.94 -27.51
CA LEU B 81 -16.55 -0.14 -28.46
C LEU B 81 -15.43 -0.05 -29.46
N PRO B 82 -14.56 -1.05 -29.48
CA PRO B 82 -13.46 -1.05 -30.46
C PRO B 82 -13.95 -1.05 -31.91
N GLU B 83 -13.09 -0.62 -32.82
CA GLU B 83 -13.43 -0.51 -34.23
C GLU B 83 -13.91 -1.84 -34.79
N ASN B 84 -13.31 -2.93 -34.34
CA ASN B 84 -13.69 -4.27 -34.80
C ASN B 84 -15.13 -4.68 -34.45
N PHE B 85 -15.70 -4.08 -33.41
CA PHE B 85 -17.07 -4.38 -33.02
C PHE B 85 -18.00 -3.54 -33.91
N LYS B 86 -18.02 -3.84 -35.19
CA LYS B 86 -18.81 -3.09 -36.16
C LYS B 86 -20.32 -3.15 -35.91
N ASP B 87 -20.83 -4.33 -35.60
CA ASP B 87 -22.27 -4.48 -35.32
C ASP B 87 -22.71 -3.69 -34.08
N SER B 88 -21.89 -3.70 -33.01
CA SER B 88 -22.15 -2.93 -31.77
C SER B 88 -22.11 -1.42 -32.04
N ARG B 89 -21.12 -0.96 -32.81
CA ARG B 89 -21.01 0.47 -33.15
C ARG B 89 -22.20 0.93 -33.97
N LEU B 90 -22.65 0.10 -34.93
CA LEU B 90 -23.81 0.46 -35.74
C LEU B 90 -25.09 0.52 -34.88
N LYS B 91 -25.24 -0.43 -33.96
CA LYS B 91 -26.40 -0.50 -33.07
C LYS B 91 -26.37 0.70 -32.10
N ARG B 92 -25.18 1.06 -31.61
CA ARG B 92 -25.04 2.20 -30.72
C ARG B 92 -25.44 3.50 -31.45
N LYS B 93 -24.91 3.67 -32.67
CA LYS B 93 -25.20 4.85 -33.49
C LYS B 93 -26.70 4.97 -33.77
N GLY B 94 -27.32 3.86 -34.20
CA GLY B 94 -28.74 3.80 -34.51
C GLY B 94 -29.59 4.16 -33.29
N LEU B 95 -29.20 3.64 -32.11
CA LEU B 95 -29.93 3.91 -30.89
C LEU B 95 -29.83 5.38 -30.46
N VAL B 96 -28.63 5.95 -30.51
CA VAL B 96 -28.45 7.37 -30.14
C VAL B 96 -29.31 8.22 -31.10
N LYS B 97 -29.25 7.94 -32.41
CA LYS B 97 -30.05 8.68 -33.40
C LYS B 97 -31.57 8.56 -33.11
N LYS B 98 -32.04 7.37 -32.71
CA LYS B 98 -33.44 7.12 -32.38
C LYS B 98 -33.81 7.96 -31.15
N VAL B 99 -32.93 7.98 -30.12
CA VAL B 99 -33.19 8.75 -28.90
C VAL B 99 -33.23 10.25 -29.22
N GLN B 100 -32.26 10.72 -30.02
CA GLN B 100 -32.24 12.12 -30.41
C GLN B 100 -33.50 12.55 -31.19
N ALA B 101 -34.00 11.68 -32.11
CA ALA B 101 -35.23 11.99 -32.84
C ALA B 101 -36.41 12.04 -31.84
N PHE B 102 -36.45 11.13 -30.84
CA PHE B 102 -37.51 11.19 -29.81
C PHE B 102 -37.41 12.46 -28.97
N LEU B 103 -36.19 12.91 -28.66
CA LEU B 103 -36.02 14.14 -27.89
C LEU B 103 -36.51 15.33 -28.72
N ALA B 104 -36.29 15.31 -30.03
CA ALA B 104 -36.79 16.39 -30.93
C ALA B 104 -38.35 16.41 -30.87
N GLU B 105 -38.99 15.22 -30.79
CA GLU B 105 -40.46 15.13 -30.69
C GLU B 105 -40.91 15.71 -29.34
N CYS B 106 -40.13 15.43 -28.26
CA CYS B 106 -40.41 15.98 -26.93
C CYS B 106 -40.35 17.51 -27.00
N ASP B 107 -39.32 18.04 -27.69
CA ASP B 107 -39.14 19.48 -27.86
C ASP B 107 -40.35 20.09 -28.61
N THR B 108 -40.91 19.37 -29.58
CA THR B 108 -42.10 19.82 -30.30
C THR B 108 -43.28 19.91 -29.33
N VAL B 109 -43.41 18.93 -28.42
CA VAL B 109 -44.50 18.96 -27.43
C VAL B 109 -44.35 20.20 -26.57
N GLU B 110 -43.13 20.45 -26.09
CA GLU B 110 -42.83 21.62 -25.25
C GLU B 110 -43.13 22.93 -25.96
N GLN B 111 -42.95 22.99 -27.29
CA GLN B 111 -43.27 24.20 -28.08
C GLN B 111 -44.77 24.43 -28.23
N ASN B 112 -45.56 23.40 -27.95
CA ASN B 112 -47.00 23.43 -28.15
C ASN B 112 -47.81 23.49 -26.86
N ILE B 113 -47.15 23.54 -25.71
CA ILE B 113 -47.82 23.59 -24.42
C ILE B 113 -47.30 24.73 -23.59
N CYS B 114 -48.13 25.23 -22.64
CA CYS B 114 -47.76 26.29 -21.68
C CYS B 114 -47.26 27.56 -22.44
N GLN B 115 -47.75 27.80 -23.66
CA GLN B 115 -47.31 28.95 -24.46
C GLN B 115 -47.92 30.27 -23.98
N GLU B 116 -47.30 31.33 -24.19
N MET C 6 2.68 -32.44 23.02
CA MET C 6 4.10 -32.69 23.28
C MET C 6 4.44 -32.45 24.74
N SER C 7 5.46 -33.18 25.25
CA SER C 7 5.93 -33.02 26.63
C SER C 7 6.90 -31.83 26.68
N LYS C 8 7.25 -31.38 27.90
CA LYS C 8 8.16 -30.24 28.13
C LYS C 8 9.58 -30.59 27.75
N GLY C 9 10.20 -29.72 26.96
CA GLY C 9 11.56 -29.92 26.50
C GLY C 9 12.62 -29.18 27.31
N PRO C 10 13.90 -29.37 26.91
CA PRO C 10 14.99 -28.68 27.62
C PRO C 10 15.08 -27.20 27.23
N ALA C 11 15.98 -26.46 27.88
CA ALA C 11 16.23 -25.06 27.59
C ALA C 11 17.21 -24.99 26.41
N VAL C 12 17.06 -23.96 25.58
CA VAL C 12 17.92 -23.80 24.40
C VAL C 12 18.77 -22.52 24.44
N GLY C 13 19.77 -22.46 23.58
CA GLY C 13 20.62 -21.29 23.42
C GLY C 13 20.35 -20.69 22.06
N ILE C 14 20.05 -19.40 22.00
CA ILE C 14 19.78 -18.76 20.72
C ILE C 14 20.70 -17.58 20.44
N ASP C 15 21.35 -17.63 19.29
CA ASP C 15 22.20 -16.54 18.85
C ASP C 15 21.31 -15.78 17.88
N LEU C 16 20.88 -14.59 18.29
CA LEU C 16 20.03 -13.77 17.45
C LEU C 16 21.01 -12.85 16.75
N GLY C 17 21.32 -13.20 15.49
CA GLY C 17 22.29 -12.45 14.70
C GLY C 17 21.71 -11.41 13.80
N THR C 18 22.59 -10.50 13.33
CA THR C 18 22.15 -9.40 12.47
C THR C 18 21.58 -9.97 11.15
N THR C 19 22.30 -10.92 10.54
CA THR C 19 21.88 -11.52 9.25
C THR C 19 21.34 -12.97 9.42
N TYR C 20 21.86 -13.71 10.39
CA TYR C 20 21.44 -15.12 10.61
C TYR C 20 21.31 -15.37 12.09
N SER C 21 20.46 -16.34 12.46
CA SER C 21 20.28 -16.73 13.84
C SER C 21 20.55 -18.25 13.91
N CYS C 22 20.87 -18.72 15.10
CA CYS C 22 21.27 -20.12 15.29
C CYS C 22 20.75 -20.55 16.66
N VAL C 23 20.25 -21.79 16.74
CA VAL C 23 19.71 -22.33 18.00
C VAL C 23 20.41 -23.66 18.32
N GLY C 24 20.83 -23.81 19.55
CA GLY C 24 21.49 -25.02 20.01
C GLY C 24 20.84 -25.59 21.25
N VAL C 25 21.08 -26.88 21.50
CA VAL C 25 20.57 -27.53 22.70
C VAL C 25 21.64 -28.45 23.24
N PHE C 26 21.84 -28.42 24.54
CA PHE C 26 22.81 -29.31 25.18
C PHE C 26 22.08 -30.52 25.68
N GLN C 27 22.46 -31.70 25.19
CA GLN C 27 21.89 -32.95 25.67
C GLN C 27 22.83 -34.13 25.36
N HIS C 28 22.73 -35.18 26.17
CA HIS C 28 23.57 -36.34 26.01
C HIS C 28 25.03 -35.93 26.12
N GLY C 29 25.29 -34.96 26.98
CA GLY C 29 26.64 -34.48 27.22
C GLY C 29 27.29 -33.65 26.13
N LYS C 30 26.50 -33.14 25.19
CA LYS C 30 27.07 -32.33 24.11
C LYS C 30 26.05 -31.37 23.51
N VAL C 31 26.56 -30.37 22.79
CA VAL C 31 25.69 -29.42 22.14
C VAL C 31 25.30 -29.92 20.76
N GLU C 32 24.02 -29.83 20.45
CA GLU C 32 23.56 -30.14 19.12
C GLU C 32 23.06 -28.82 18.54
N ILE C 33 23.63 -28.39 17.41
CA ILE C 33 23.17 -27.17 16.77
C ILE C 33 22.05 -27.67 15.89
N ILE C 34 20.87 -27.10 16.06
CA ILE C 34 19.70 -27.57 15.36
C ILE C 34 19.44 -27.06 13.94
N ALA C 35 19.30 -28.01 13.01
CA ALA C 35 19.01 -27.65 11.62
C ALA C 35 17.54 -27.22 11.51
N ASN C 36 17.28 -26.19 10.67
CA ASN C 36 15.91 -25.75 10.45
C ASN C 36 15.20 -26.69 9.46
N ASP C 37 13.95 -26.36 9.08
CA ASP C 37 13.14 -27.21 8.21
C ASP C 37 13.76 -27.42 6.82
N GLN C 38 14.68 -26.50 6.40
CA GLN C 38 15.37 -26.64 5.12
C GLN C 38 16.74 -27.33 5.30
N GLY C 39 17.02 -27.80 6.52
CA GLY C 39 18.27 -28.51 6.84
C GLY C 39 19.45 -27.58 7.09
N ASN C 40 19.19 -26.26 7.27
CA ASN C 40 20.26 -25.30 7.48
C ASN C 40 20.48 -25.08 8.98
N ARG C 41 21.74 -25.10 9.41
CA ARG C 41 22.11 -24.92 10.83
C ARG C 41 22.06 -23.45 11.26
N THR C 42 21.91 -22.52 10.31
CA THR C 42 21.65 -21.12 10.64
C THR C 42 20.42 -20.72 9.83
N THR C 43 19.68 -19.74 10.32
CA THR C 43 18.44 -19.28 9.72
C THR C 43 18.53 -17.78 9.45
N PRO C 44 18.26 -17.31 8.23
CA PRO C 44 18.31 -15.85 7.99
C PRO C 44 17.38 -15.09 8.94
N SER C 45 17.89 -13.95 9.52
CA SER C 45 17.09 -13.10 10.39
C SER C 45 16.27 -12.17 9.49
N TYR C 46 15.39 -12.77 8.69
CA TYR C 46 14.61 -12.11 7.66
C TYR C 46 13.13 -12.38 7.88
N VAL C 47 12.32 -11.37 7.63
CA VAL C 47 10.87 -11.50 7.72
C VAL C 47 10.34 -10.80 6.48
N ALA C 48 9.50 -11.49 5.71
CA ALA C 48 8.92 -10.88 4.49
C ALA C 48 7.41 -10.79 4.62
N PHE C 49 6.85 -9.73 4.04
CA PHE C 49 5.42 -9.50 4.03
C PHE C 49 4.99 -9.48 2.57
N THR C 50 4.01 -10.31 2.24
CA THR C 50 3.57 -10.40 0.85
C THR C 50 2.10 -10.02 0.72
N ASP C 51 1.56 -10.22 -0.47
CA ASP C 51 0.16 -9.97 -0.70
C ASP C 51 -0.74 -10.93 0.09
N THR C 52 -0.22 -12.10 0.47
CA THR C 52 -1.01 -13.14 1.12
C THR C 52 -0.46 -13.69 2.43
N GLU C 53 0.84 -13.51 2.75
CA GLU C 53 1.36 -14.08 3.98
C GLU C 53 2.60 -13.41 4.50
N ARG C 54 3.00 -13.85 5.70
CA ARG C 54 4.21 -13.43 6.36
C ARG C 54 5.16 -14.64 6.30
N LEU C 55 6.39 -14.41 5.86
CA LEU C 55 7.40 -15.45 5.72
C LEU C 55 8.59 -15.14 6.62
N ILE C 56 9.17 -16.17 7.24
CA ILE C 56 10.31 -16.02 8.13
C ILE C 56 11.48 -16.92 7.73
N GLY C 57 12.69 -16.46 8.00
CA GLY C 57 13.91 -17.19 7.68
C GLY C 57 14.20 -17.47 6.22
N ASP C 58 14.54 -18.72 5.91
CA ASP C 58 14.87 -19.08 4.53
C ASP C 58 13.81 -18.70 3.53
N ALA C 59 12.51 -18.92 3.86
CA ALA C 59 11.42 -18.59 2.94
C ALA C 59 11.39 -17.08 2.65
N ALA C 60 11.73 -16.26 3.66
CA ALA C 60 11.79 -14.80 3.48
C ALA C 60 13.04 -14.42 2.65
N LYS C 61 14.24 -14.92 3.01
CA LYS C 61 15.44 -14.58 2.23
C LYS C 61 15.31 -15.03 0.76
N ASN C 62 14.73 -16.22 0.54
CA ASN C 62 14.54 -16.81 -0.78
C ASN C 62 13.74 -15.93 -1.75
N GLN C 63 12.89 -15.03 -1.26
CA GLN C 63 12.09 -14.17 -2.14
C GLN C 63 12.49 -12.70 -2.08
N VAL C 64 13.66 -12.39 -1.48
CA VAL C 64 14.13 -11.02 -1.35
C VAL C 64 14.24 -10.31 -2.72
N ALA C 65 14.73 -11.00 -3.75
CA ALA C 65 14.88 -10.42 -5.09
C ALA C 65 13.52 -10.05 -5.70
N MET C 66 12.50 -10.85 -5.41
CA MET C 66 11.13 -10.63 -5.84
C MET C 66 10.36 -9.52 -5.11
N ASN C 67 10.69 -9.32 -3.83
CA ASN C 67 9.98 -8.41 -2.93
C ASN C 67 10.93 -7.66 -2.01
N PRO C 68 11.88 -6.90 -2.55
CA PRO C 68 12.86 -6.19 -1.72
C PRO C 68 12.33 -5.15 -0.72
N THR C 69 11.34 -4.36 -1.10
CA THR C 69 10.80 -3.33 -0.21
C THR C 69 10.03 -3.85 1.00
N ASN C 70 9.50 -5.07 0.92
CA ASN C 70 8.70 -5.64 1.98
C ASN C 70 9.39 -6.80 2.71
N THR C 71 10.70 -6.98 2.49
CA THR C 71 11.54 -8.02 3.13
C THR C 71 12.47 -7.34 4.11
N VAL C 72 12.21 -7.53 5.38
CA VAL C 72 12.96 -6.88 6.45
C VAL C 72 14.09 -7.78 6.97
N PHE C 73 15.22 -7.15 7.25
CA PHE C 73 16.41 -7.80 7.80
C PHE C 73 17.16 -6.72 8.56
N ASP C 74 18.19 -7.09 9.30
CA ASP C 74 18.99 -6.12 10.06
C ASP C 74 18.20 -5.44 11.18
N ALA C 75 17.17 -6.09 11.69
CA ALA C 75 16.38 -5.49 12.77
C ALA C 75 17.26 -5.26 14.00
N LYS C 76 18.26 -6.11 14.15
CA LYS C 76 19.22 -6.04 15.27
C LYS C 76 19.97 -4.70 15.26
N ARG C 77 20.13 -4.10 14.07
CA ARG C 77 20.80 -2.79 13.93
C ARG C 77 19.89 -1.66 14.44
N LEU C 78 18.60 -1.92 14.52
CA LEU C 78 17.63 -0.94 14.98
C LEU C 78 17.10 -1.17 16.39
N ILE C 79 17.18 -2.40 16.86
CA ILE C 79 16.59 -2.72 18.14
C ILE C 79 17.13 -1.91 19.32
N GLY C 80 16.20 -1.36 20.09
CA GLY C 80 16.51 -0.58 21.27
C GLY C 80 17.06 0.79 20.97
N ARG C 81 17.07 1.19 19.70
CA ARG C 81 17.60 2.50 19.32
C ARG C 81 16.49 3.53 19.12
N ARG C 82 16.86 4.81 19.24
CA ARG C 82 15.98 5.96 18.95
C ARG C 82 16.03 6.19 17.42
N PHE C 83 14.96 6.76 16.84
CA PHE C 83 14.94 7.02 15.40
C PHE C 83 16.09 7.92 14.95
N ASP C 84 16.37 8.96 15.73
CA ASP C 84 17.42 9.93 15.41
C ASP C 84 18.84 9.46 15.68
N ASP C 85 18.99 8.25 16.19
CA ASP C 85 20.31 7.70 16.47
C ASP C 85 21.06 7.75 15.15
N ALA C 86 22.33 8.11 15.20
CA ALA C 86 23.15 8.25 13.99
C ALA C 86 23.24 6.94 13.23
N VAL C 87 23.32 5.85 13.98
CA VAL C 87 23.39 4.51 13.38
C VAL C 87 22.14 4.19 12.55
N VAL C 88 20.94 4.50 13.08
CA VAL C 88 19.67 4.29 12.37
C VAL C 88 19.66 5.12 11.08
N GLN C 89 19.99 6.40 11.20
CA GLN C 89 20.00 7.30 10.04
C GLN C 89 20.99 6.87 8.97
N SER C 90 22.18 6.41 9.36
CA SER C 90 23.20 5.94 8.40
C SER C 90 22.75 4.65 7.73
N ASP C 91 22.27 3.69 8.52
CA ASP C 91 21.82 2.39 8.02
C ASP C 91 20.63 2.46 7.07
N MET C 92 19.71 3.38 7.33
CA MET C 92 18.50 3.54 6.53
C MET C 92 18.80 3.81 5.07
N LYS C 93 19.87 4.53 4.81
CA LYS C 93 20.23 4.86 3.44
C LYS C 93 20.44 3.62 2.59
N HIS C 94 20.98 2.57 3.20
CA HIS C 94 21.26 1.32 2.47
C HIS C 94 20.21 0.20 2.47
N TRP C 95 19.10 0.35 3.20
CA TRP C 95 18.06 -0.69 3.24
C TRP C 95 16.99 -0.43 2.21
N PRO C 96 16.47 -1.49 1.56
CA PRO C 96 15.40 -1.25 0.56
C PRO C 96 14.03 -1.03 1.19
N PHE C 97 13.86 -1.41 2.47
CA PHE C 97 12.59 -1.22 3.17
C PHE C 97 12.62 0.14 3.87
N MET C 98 11.45 0.68 4.17
CA MET C 98 11.30 1.98 4.82
C MET C 98 11.40 1.84 6.32
N VAL C 99 12.01 2.85 6.94
CA VAL C 99 12.08 3.00 8.39
C VAL C 99 11.43 4.34 8.68
N VAL C 100 10.43 4.34 9.56
CA VAL C 100 9.69 5.55 9.91
C VAL C 100 9.84 5.90 11.37
N ASN C 101 9.55 7.16 11.68
CA ASN C 101 9.64 7.65 13.02
C ASN C 101 8.27 7.58 13.71
N ASP C 102 8.17 6.81 14.80
CA ASP C 102 6.92 6.77 15.59
C ASP C 102 7.23 7.32 16.98
N ALA C 103 6.91 8.61 17.22
CA ALA C 103 7.15 9.32 18.48
C ALA C 103 8.59 9.11 19.00
N GLY C 104 9.56 9.22 18.10
CA GLY C 104 10.98 9.08 18.43
C GLY C 104 11.58 7.70 18.29
N ARG C 105 10.73 6.68 18.07
CA ARG C 105 11.20 5.29 17.95
C ARG C 105 11.10 4.82 16.50
N PRO C 106 12.08 4.05 16.01
CA PRO C 106 12.00 3.56 14.63
C PRO C 106 11.01 2.41 14.50
N LYS C 107 10.39 2.37 13.33
CA LYS C 107 9.51 1.27 12.96
C LYS C 107 9.81 0.94 11.52
N VAL C 108 9.76 -0.34 11.18
CA VAL C 108 9.90 -0.72 9.77
C VAL C 108 8.51 -0.62 9.18
N GLN C 109 8.38 -0.06 7.96
CA GLN C 109 7.08 0.09 7.33
C GLN C 109 7.06 -0.74 6.08
N VAL C 110 6.01 -1.52 5.93
CA VAL C 110 5.89 -2.41 4.78
C VAL C 110 4.46 -2.44 4.25
N GLU C 111 4.29 -3.05 3.06
CA GLU C 111 2.99 -3.35 2.49
C GLU C 111 2.77 -4.84 2.82
N TYR C 112 1.64 -5.16 3.47
CA TYR C 112 1.33 -6.51 3.91
C TYR C 112 -0.15 -6.75 3.62
N LYS C 113 -0.45 -7.73 2.76
CA LYS C 113 -1.83 -8.04 2.31
C LYS C 113 -2.56 -6.79 1.78
N GLY C 114 -1.85 -5.98 1.00
CA GLY C 114 -2.37 -4.75 0.40
C GLY C 114 -2.57 -3.56 1.32
N GLU C 115 -2.13 -3.67 2.59
CA GLU C 115 -2.25 -2.59 3.58
C GLU C 115 -0.87 -2.16 4.11
N THR C 116 -0.73 -0.88 4.47
CA THR C 116 0.50 -0.34 5.05
C THR C 116 0.54 -0.72 6.53
N LYS C 117 1.60 -1.47 6.92
CA LYS C 117 1.79 -1.92 8.30
C LYS C 117 3.15 -1.51 8.80
N SER C 118 3.27 -1.23 10.11
CA SER C 118 4.56 -0.89 10.67
C SER C 118 4.83 -1.76 11.89
N PHE C 119 6.10 -2.10 12.10
CA PHE C 119 6.52 -2.95 13.21
C PHE C 119 7.70 -2.39 13.93
N TYR C 120 7.70 -2.49 15.26
CA TYR C 120 8.85 -2.09 16.06
C TYR C 120 9.95 -3.15 15.82
N PRO C 121 11.24 -2.80 15.97
CA PRO C 121 12.30 -3.78 15.72
C PRO C 121 12.16 -5.03 16.60
N GLU C 122 11.71 -4.87 17.87
CA GLU C 122 11.53 -6.03 18.75
C GLU C 122 10.38 -6.93 18.27
N GLU C 123 9.38 -6.37 17.54
CA GLU C 123 8.33 -7.21 16.96
C GLU C 123 8.92 -8.05 15.84
N VAL C 124 9.79 -7.44 14.99
CA VAL C 124 10.47 -8.17 13.92
C VAL C 124 11.36 -9.29 14.53
N SER C 125 12.18 -8.94 15.52
CA SER C 125 13.05 -9.91 16.18
C SER C 125 12.25 -10.99 16.89
N SER C 126 11.05 -10.65 17.40
CA SER C 126 10.19 -11.65 18.06
C SER C 126 9.74 -12.72 17.05
N MET C 127 9.52 -12.30 15.79
CA MET C 127 9.11 -13.22 14.71
C MET C 127 10.27 -14.16 14.39
N VAL C 128 11.51 -13.63 14.41
CA VAL C 128 12.71 -14.46 14.19
C VAL C 128 12.87 -15.42 15.37
N LEU C 129 12.70 -14.91 16.60
CA LEU C 129 12.78 -15.79 17.79
C LEU C 129 11.71 -16.88 17.80
N THR C 130 10.50 -16.56 17.32
CA THR C 130 9.42 -17.55 17.24
C THR C 130 9.85 -18.69 16.29
N LYS C 131 10.49 -18.31 15.17
CA LYS C 131 10.98 -19.31 14.19
C LYS C 131 12.07 -20.18 14.85
N MET C 132 13.01 -19.57 15.62
CA MET C 132 14.08 -20.32 16.29
C MET C 132 13.49 -21.29 17.31
N LYS C 133 12.47 -20.84 18.08
CA LYS C 133 11.74 -21.66 19.06
C LYS C 133 11.08 -22.85 18.31
N GLU C 134 10.40 -22.56 17.17
CA GLU C 134 9.73 -23.59 16.36
C GLU C 134 10.72 -24.63 15.78
N ILE C 135 11.91 -24.17 15.37
CA ILE C 135 13.00 -25.03 14.84
C ILE C 135 13.43 -25.99 15.95
N ALA C 136 13.63 -25.46 17.19
CA ALA C 136 14.01 -26.33 18.31
C ALA C 136 12.92 -27.35 18.63
N GLU C 137 11.63 -26.93 18.64
CA GLU C 137 10.51 -27.85 18.93
C GLU C 137 10.34 -28.95 17.87
N ALA C 138 10.57 -28.62 16.58
CA ALA C 138 10.45 -29.59 15.48
C ALA C 138 11.53 -30.66 15.61
N TYR C 139 12.73 -30.29 16.08
CA TYR C 139 13.81 -31.24 16.24
C TYR C 139 13.62 -32.10 17.50
N LEU C 140 13.26 -31.48 18.61
CA LEU C 140 13.15 -32.18 19.88
C LEU C 140 11.90 -32.99 20.03
N GLY C 141 10.83 -32.57 19.34
CA GLY C 141 9.51 -33.19 19.45
C GLY C 141 8.91 -32.89 20.81
N LYS C 142 9.37 -31.79 21.42
CA LYS C 142 8.93 -31.34 22.74
C LYS C 142 8.76 -29.83 22.71
N THR C 143 7.93 -29.26 23.59
CA THR C 143 7.73 -27.80 23.65
C THR C 143 9.00 -27.14 24.21
N VAL C 144 9.34 -25.97 23.68
CA VAL C 144 10.51 -25.21 24.14
C VAL C 144 10.00 -23.86 24.62
N THR C 145 10.32 -23.49 25.85
CA THR C 145 9.91 -22.20 26.41
C THR C 145 11.15 -21.45 26.96
N ASN C 146 12.09 -22.16 27.59
CA ASN C 146 13.27 -21.55 28.22
C ASN C 146 14.43 -21.36 27.26
N ALA C 147 14.99 -20.16 27.25
CA ALA C 147 16.11 -19.88 26.38
C ALA C 147 17.07 -18.83 26.91
N VAL C 148 18.31 -18.94 26.46
CA VAL C 148 19.35 -17.98 26.77
C VAL C 148 19.50 -17.30 25.41
N VAL C 149 19.40 -15.99 25.39
CA VAL C 149 19.51 -15.22 24.15
C VAL C 149 20.74 -14.34 24.23
N THR C 150 21.49 -14.26 23.14
CA THR C 150 22.74 -13.48 23.18
C THR C 150 22.57 -12.09 22.56
N VAL C 151 23.43 -11.15 22.99
CA VAL C 151 23.44 -9.78 22.46
C VAL C 151 24.91 -9.34 22.35
N PRO C 152 25.23 -8.35 21.51
CA PRO C 152 26.61 -7.83 21.50
C PRO C 152 26.95 -7.18 22.85
N ALA C 153 28.22 -7.28 23.24
CA ALA C 153 28.71 -6.73 24.49
C ALA C 153 28.48 -5.22 24.62
N TYR C 154 28.44 -4.52 23.49
CA TYR C 154 28.25 -3.07 23.47
C TYR C 154 26.79 -2.63 23.55
N PHE C 155 25.82 -3.58 23.55
CA PHE C 155 24.41 -3.20 23.64
C PHE C 155 24.17 -2.41 24.94
N ASN C 156 23.46 -1.32 24.84
CA ASN C 156 23.15 -0.49 26.02
C ASN C 156 21.89 -1.08 26.71
N ASP C 157 21.39 -0.45 27.79
CA ASP C 157 20.20 -0.91 28.53
C ASP C 157 18.96 -1.07 27.62
N SER C 158 18.70 -0.09 26.76
CA SER C 158 17.55 -0.05 25.85
C SER C 158 17.62 -1.19 24.84
N GLN C 159 18.80 -1.44 24.26
CA GLN C 159 19.02 -2.49 23.28
C GLN C 159 18.84 -3.89 23.92
N ARG C 160 19.34 -4.04 25.16
CA ARG C 160 19.21 -5.30 25.92
C ARG C 160 17.76 -5.53 26.27
N GLN C 161 17.06 -4.49 26.78
CA GLN C 161 15.66 -4.60 27.18
C GLN C 161 14.79 -4.96 25.96
N ALA C 162 15.00 -4.27 24.82
CA ALA C 162 14.21 -4.53 23.60
C ALA C 162 14.42 -5.99 23.10
N THR C 163 15.63 -6.55 23.28
CA THR C 163 15.92 -7.96 22.92
C THR C 163 15.14 -8.89 23.86
N LYS C 164 15.15 -8.60 25.17
CA LYS C 164 14.39 -9.36 26.17
C LYS C 164 12.90 -9.30 25.82
N ASP C 165 12.40 -8.10 25.42
CA ASP C 165 10.99 -7.88 25.02
C ASP C 165 10.67 -8.73 23.77
N ALA C 166 11.60 -8.83 22.81
CA ALA C 166 11.41 -9.68 21.62
C ALA C 166 11.17 -11.16 22.04
N GLY C 167 11.95 -11.61 23.05
CA GLY C 167 11.86 -12.93 23.65
C GLY C 167 10.51 -13.17 24.29
N THR C 168 10.05 -12.20 25.10
CA THR C 168 8.73 -12.24 25.76
C THR C 168 7.59 -12.30 24.72
N ILE C 169 7.62 -11.43 23.69
CA ILE C 169 6.59 -11.41 22.64
C ILE C 169 6.54 -12.80 21.93
N ALA C 170 7.72 -13.43 21.73
CA ALA C 170 7.85 -14.75 21.11
C ALA C 170 7.38 -15.89 22.03
N GLY C 171 7.05 -15.60 23.28
CA GLY C 171 6.59 -16.60 24.24
C GLY C 171 7.71 -17.36 24.90
N LEU C 172 8.91 -16.80 24.87
CA LEU C 172 10.07 -17.41 25.51
C LEU C 172 10.27 -16.87 26.92
N ASN C 173 10.69 -17.76 27.82
CA ASN C 173 11.13 -17.42 29.16
C ASN C 173 12.65 -17.24 29.00
N VAL C 174 13.10 -15.97 28.93
CA VAL C 174 14.51 -15.66 28.74
C VAL C 174 15.26 -15.85 30.05
N LEU C 175 15.98 -16.99 30.18
CA LEU C 175 16.72 -17.35 31.40
C LEU C 175 17.80 -16.35 31.72
N ARG C 176 18.48 -15.91 30.67
CA ARG C 176 19.51 -14.90 30.78
C ARG C 176 19.80 -14.27 29.42
N ILE C 177 20.28 -13.04 29.45
CA ILE C 177 20.69 -12.36 28.22
C ILE C 177 22.18 -12.33 28.45
N ILE C 178 22.95 -12.95 27.57
CA ILE C 178 24.39 -12.96 27.76
C ILE C 178 25.10 -12.37 26.57
N ASN C 179 26.27 -11.79 26.83
CA ASN C 179 27.02 -11.18 25.74
C ASN C 179 27.53 -12.23 24.81
N GLU C 180 27.53 -11.93 23.50
CA GLU C 180 28.05 -12.83 22.47
C GLU C 180 29.50 -13.27 22.74
N PRO C 181 30.45 -12.36 23.11
CA PRO C 181 31.82 -12.82 23.41
C PRO C 181 31.88 -13.76 24.62
N THR C 182 31.02 -13.52 25.64
CA THR C 182 30.96 -14.39 26.81
C THR C 182 30.47 -15.78 26.38
N ALA C 183 29.40 -15.82 25.56
CA ALA C 183 28.88 -17.11 25.03
C ALA C 183 30.02 -17.88 24.29
N ALA C 184 30.82 -17.17 23.47
CA ALA C 184 31.94 -17.81 22.75
C ALA C 184 33.00 -18.35 23.71
N ALA C 185 33.32 -17.60 24.78
CA ALA C 185 34.28 -18.06 25.79
C ALA C 185 33.74 -19.30 26.51
N ILE C 186 32.44 -19.32 26.82
CA ILE C 186 31.78 -20.43 27.49
C ILE C 186 31.84 -21.69 26.59
N ALA C 187 31.62 -21.52 25.28
CA ALA C 187 31.66 -22.63 24.31
C ALA C 187 33.01 -23.36 24.39
N TYR C 188 34.11 -22.61 24.57
CA TYR C 188 35.46 -23.16 24.70
C TYR C 188 35.87 -23.55 26.12
N GLY C 189 34.98 -23.43 27.09
CA GLY C 189 35.25 -23.77 28.48
C GLY C 189 36.33 -22.90 29.13
N LEU C 190 36.52 -21.65 28.64
CA LEU C 190 37.53 -20.74 29.18
C LEU C 190 37.27 -20.33 30.61
N ASP C 191 35.98 -20.38 31.02
CA ASP C 191 35.53 -20.07 32.40
C ASP C 191 35.77 -21.24 33.35
N LYS C 192 36.27 -22.39 32.82
CA LYS C 192 36.55 -23.60 33.60
C LYS C 192 38.04 -23.85 33.79
N LYS C 193 38.90 -23.10 33.07
CA LYS C 193 40.36 -23.23 33.20
C LYS C 193 40.76 -22.80 34.60
N VAL C 194 41.51 -23.65 35.27
CA VAL C 194 41.93 -23.42 36.64
C VAL C 194 43.04 -22.38 36.70
N GLY C 195 43.15 -21.71 37.83
CA GLY C 195 44.21 -20.74 38.04
C GLY C 195 43.72 -19.32 38.25
N ALA C 196 44.60 -18.38 37.90
CA ALA C 196 44.41 -16.94 38.08
C ALA C 196 43.49 -16.37 37.02
N GLU C 197 43.26 -15.05 37.09
CA GLU C 197 42.43 -14.32 36.13
C GLU C 197 42.95 -14.49 34.72
N ARG C 198 42.03 -14.67 33.74
CA ARG C 198 42.41 -14.85 32.34
C ARG C 198 41.87 -13.70 31.53
N ASN C 199 42.72 -13.16 30.64
CA ASN C 199 42.33 -12.14 29.68
C ASN C 199 42.05 -12.86 28.38
N VAL C 200 40.84 -12.65 27.85
CA VAL C 200 40.40 -13.33 26.63
C VAL C 200 40.10 -12.30 25.55
N LEU C 201 40.59 -12.53 24.35
CA LEU C 201 40.22 -11.68 23.23
C LEU C 201 39.32 -12.48 22.30
N ILE C 202 38.11 -11.97 22.01
N ILE C 202 38.13 -11.96 21.99
CA ILE C 202 37.15 -12.59 21.09
CA ILE C 202 37.17 -12.60 21.09
C ILE C 202 37.23 -11.81 19.79
C ILE C 202 37.20 -11.83 19.80
N PHE C 203 37.58 -12.50 18.70
CA PHE C 203 37.69 -11.89 17.36
C PHE C 203 36.48 -12.43 16.57
N ASP C 204 35.44 -11.59 16.42
CA ASP C 204 34.16 -12.03 15.84
C ASP C 204 33.91 -11.33 14.49
N LEU C 205 34.20 -12.05 13.41
CA LEU C 205 34.05 -11.50 12.05
C LEU C 205 33.08 -12.41 11.30
N GLY C 206 31.82 -12.06 11.39
CA GLY C 206 30.74 -12.84 10.81
C GLY C 206 29.44 -12.08 10.76
N GLY C 207 28.58 -12.49 9.83
CA GLY C 207 27.26 -11.93 9.67
C GLY C 207 27.20 -10.43 9.38
N GLY C 208 28.21 -9.88 8.72
CA GLY C 208 28.22 -8.47 8.31
C GLY C 208 28.75 -7.46 9.32
N THR C 209 29.19 -7.95 10.50
CA THR C 209 29.78 -7.10 11.53
C THR C 209 31.13 -7.65 11.96
N PHE C 210 32.00 -6.76 12.49
CA PHE C 210 33.28 -7.15 13.04
C PHE C 210 33.32 -6.62 14.48
N ASP C 211 33.42 -7.53 15.44
CA ASP C 211 33.49 -7.15 16.86
C ASP C 211 34.67 -7.78 17.51
N VAL C 212 35.48 -6.95 18.18
CA VAL C 212 36.58 -7.42 19.00
C VAL C 212 36.16 -7.11 20.44
N SER C 213 36.29 -8.08 21.35
CA SER C 213 35.97 -7.83 22.73
C SER C 213 37.06 -8.38 23.59
N ILE C 214 37.36 -7.69 24.68
CA ILE C 214 38.32 -8.25 25.62
C ILE C 214 37.56 -8.48 26.91
N LEU C 215 37.67 -9.68 27.45
CA LEU C 215 37.01 -10.06 28.69
C LEU C 215 38.02 -10.53 29.67
N THR C 216 37.69 -10.39 30.95
N THR C 216 37.65 -10.43 30.96
CA THR C 216 38.49 -10.97 32.00
CA THR C 216 38.42 -10.91 32.08
C THR C 216 37.58 -12.06 32.59
C THR C 216 37.58 -11.98 32.78
N ILE C 217 38.17 -13.16 33.04
CA ILE C 217 37.44 -14.25 33.69
C ILE C 217 38.17 -14.64 34.94
N GLU C 218 37.49 -14.63 36.06
CA GLU C 218 38.08 -14.98 37.35
C GLU C 218 37.03 -15.72 38.16
N ASP C 219 37.35 -16.99 38.49
CA ASP C 219 36.45 -17.89 39.21
C ASP C 219 35.02 -17.89 38.62
N GLY C 220 34.97 -18.01 37.30
CA GLY C 220 33.73 -18.08 36.55
C GLY C 220 32.99 -16.78 36.33
N ILE C 221 33.54 -15.66 36.84
CA ILE C 221 32.92 -14.35 36.69
C ILE C 221 33.56 -13.63 35.50
N PHE C 222 32.73 -13.16 34.58
CA PHE C 222 33.16 -12.44 33.38
C PHE C 222 33.03 -10.94 33.57
N GLU C 223 33.98 -10.19 33.04
CA GLU C 223 33.94 -8.74 33.01
C GLU C 223 34.34 -8.31 31.61
N VAL C 224 33.54 -7.45 30.99
CA VAL C 224 33.90 -6.90 29.67
C VAL C 224 34.86 -5.74 29.93
N LYS C 225 36.09 -5.83 29.39
CA LYS C 225 37.11 -4.79 29.58
C LYS C 225 37.07 -3.73 28.47
N SER C 226 36.85 -4.18 27.23
CA SER C 226 36.80 -3.26 26.10
C SER C 226 36.13 -3.90 24.91
N THR C 227 35.61 -3.06 24.02
CA THR C 227 34.99 -3.52 22.77
C THR C 227 35.46 -2.58 21.65
N ALA C 228 35.63 -3.12 20.46
CA ALA C 228 36.03 -2.33 19.28
C ALA C 228 35.54 -3.08 18.06
N GLY C 229 35.66 -2.47 16.88
CA GLY C 229 35.25 -3.19 15.68
C GLY C 229 34.83 -2.29 14.57
N ASP C 230 34.13 -2.88 13.61
CA ASP C 230 33.61 -2.23 12.41
C ASP C 230 32.21 -2.82 12.21
N THR C 231 31.21 -1.95 12.29
CA THR C 231 29.81 -2.33 12.17
C THR C 231 29.42 -2.87 10.80
N HIS C 232 30.15 -2.49 9.78
CA HIS C 232 29.85 -2.95 8.44
C HIS C 232 31.04 -3.55 7.71
N LEU C 233 31.47 -4.71 8.16
CA LEU C 233 32.57 -5.42 7.53
C LEU C 233 32.24 -6.90 7.55
N GLY C 234 32.41 -7.58 6.42
CA GLY C 234 32.17 -9.00 6.37
C GLY C 234 32.39 -9.62 5.02
N GLY C 235 31.93 -10.87 4.90
CA GLY C 235 32.04 -11.67 3.69
C GLY C 235 31.63 -10.96 2.43
N GLU C 236 30.57 -10.12 2.50
CA GLU C 236 30.11 -9.39 1.31
C GLU C 236 31.17 -8.44 0.78
N ASP C 237 31.95 -7.80 1.65
CA ASP C 237 33.04 -6.91 1.21
C ASP C 237 34.11 -7.71 0.49
N PHE C 238 34.41 -8.91 1.00
CA PHE C 238 35.45 -9.77 0.40
C PHE C 238 34.95 -10.31 -0.92
N ASP C 239 33.65 -10.65 -0.97
CA ASP C 239 33.04 -11.11 -2.24
C ASP C 239 33.08 -9.98 -3.26
N ASN C 240 32.79 -8.72 -2.82
N ASN C 240 32.79 -8.74 -2.84
CA ASN C 240 32.80 -7.50 -3.65
CA ASN C 240 32.79 -7.63 -3.78
C ASN C 240 34.14 -7.33 -4.36
C ASN C 240 34.16 -7.39 -4.41
N ARG C 241 35.26 -7.58 -3.64
CA ARG C 241 36.62 -7.44 -4.21
C ARG C 241 36.83 -8.49 -5.30
N MET C 242 36.32 -9.72 -5.08
CA MET C 242 36.39 -10.79 -6.11
CA MET C 242 36.42 -10.76 -6.11
C MET C 242 35.58 -10.41 -7.33
N VAL C 243 34.33 -9.92 -7.11
CA VAL C 243 33.42 -9.52 -8.20
C VAL C 243 34.13 -8.44 -9.04
N ASN C 244 34.70 -7.39 -8.39
CA ASN C 244 35.40 -6.33 -9.13
C ASN C 244 36.59 -6.87 -9.94
N HIS C 245 37.32 -7.81 -9.34
CA HIS C 245 38.45 -8.41 -10.01
C HIS C 245 38.01 -9.13 -11.28
N PHE C 246 36.94 -9.92 -11.15
CA PHE C 246 36.41 -10.65 -12.31
C PHE C 246 35.82 -9.76 -13.39
N ILE C 247 35.14 -8.68 -12.98
CA ILE C 247 34.57 -7.76 -13.93
C ILE C 247 35.71 -7.14 -14.73
N ALA C 248 36.78 -6.76 -14.04
CA ALA C 248 37.98 -6.19 -14.69
C ALA C 248 38.63 -7.23 -15.61
N GLU C 249 38.71 -8.49 -15.17
CA GLU C 249 39.27 -9.59 -15.97
C GLU C 249 38.46 -9.80 -17.24
N PHE C 250 37.12 -9.77 -17.14
CA PHE C 250 36.24 -9.93 -18.30
C PHE C 250 36.46 -8.76 -19.28
N LYS C 251 36.62 -7.53 -18.75
CA LYS C 251 36.92 -6.36 -19.59
C LYS C 251 38.27 -6.56 -20.32
N ARG C 252 39.30 -7.06 -19.61
CA ARG C 252 40.62 -7.26 -20.24
C ARG C 252 40.59 -8.32 -21.31
N LYS C 253 40.01 -9.47 -20.99
CA LYS C 253 39.88 -10.58 -21.94
C LYS C 253 38.93 -10.39 -23.12
N HIS C 254 37.76 -9.81 -22.85
CA HIS C 254 36.74 -9.64 -23.89
C HIS C 254 36.35 -8.23 -24.33
N LYS C 255 36.91 -7.20 -23.70
CA LYS C 255 36.56 -5.83 -24.07
C LYS C 255 35.06 -5.58 -23.93
N LYS C 256 34.47 -6.20 -22.92
CA LYS C 256 33.04 -6.05 -22.63
C LYS C 256 32.87 -5.84 -21.16
N ASP C 257 31.93 -4.94 -20.83
CA ASP C 257 31.63 -4.59 -19.45
C ASP C 257 30.31 -5.23 -19.08
N ILE C 258 30.34 -6.16 -18.13
CA ILE C 258 29.14 -6.85 -17.70
C ILE C 258 28.45 -6.20 -16.51
N SER C 259 29.03 -5.12 -16.01
CA SER C 259 28.56 -4.46 -14.80
C SER C 259 27.13 -3.95 -14.77
N GLU C 260 26.56 -3.61 -15.93
CA GLU C 260 25.19 -3.10 -15.94
C GLU C 260 24.16 -4.21 -16.14
N ASN C 261 24.63 -5.45 -16.34
CA ASN C 261 23.72 -6.58 -16.52
C ASN C 261 23.60 -7.22 -15.14
N LYS C 262 22.51 -6.90 -14.42
CA LYS C 262 22.30 -7.37 -13.05
C LYS C 262 22.32 -8.87 -12.91
N ARG C 263 21.81 -9.61 -13.89
CA ARG C 263 21.80 -11.07 -13.82
C ARG C 263 23.20 -11.62 -13.96
N ALA C 264 24.01 -11.03 -14.87
CA ALA C 264 25.41 -11.49 -15.07
C ALA C 264 26.21 -11.23 -13.80
N VAL C 265 26.05 -10.04 -13.21
CA VAL C 265 26.77 -9.69 -11.98
C VAL C 265 26.32 -10.65 -10.87
N ARG C 266 25.02 -10.95 -10.80
CA ARG C 266 24.56 -11.88 -9.76
C ARG C 266 25.17 -13.27 -9.93
N ARG C 267 25.17 -13.82 -11.17
CA ARG C 267 25.76 -15.15 -11.38
C ARG C 267 27.23 -15.14 -10.95
N LEU C 268 27.93 -14.09 -11.32
CA LEU C 268 29.32 -13.94 -10.95
C LEU C 268 29.50 -13.82 -9.44
N ARG C 269 28.69 -12.97 -8.77
CA ARG C 269 28.77 -12.78 -7.32
C ARG C 269 28.49 -14.10 -6.59
N THR C 270 27.47 -14.87 -7.03
CA THR C 270 27.16 -16.17 -6.41
C THR C 270 28.34 -17.13 -6.55
N ALA C 271 28.94 -17.18 -7.74
CA ALA C 271 30.11 -18.04 -7.99
C ALA C 271 31.32 -17.57 -7.13
N CYS C 272 31.49 -16.25 -6.95
CA CYS C 272 32.58 -15.71 -6.11
C CYS C 272 32.41 -16.11 -4.66
N GLU C 273 31.16 -16.06 -4.14
CA GLU C 273 30.87 -16.44 -2.76
C GLU C 273 31.28 -17.88 -2.54
N ARG C 274 30.93 -18.77 -3.49
CA ARG C 274 31.25 -20.18 -3.42
C ARG C 274 32.77 -20.38 -3.53
N ALA C 275 33.44 -19.68 -4.46
CA ALA C 275 34.91 -19.81 -4.62
C ALA C 275 35.61 -19.35 -3.33
N LYS C 276 35.11 -18.29 -2.69
CA LYS C 276 35.68 -17.79 -1.44
C LYS C 276 35.65 -18.93 -0.40
N ARG C 277 34.51 -19.64 -0.33
CA ARG C 277 34.39 -20.76 0.63
C ARG C 277 35.35 -21.90 0.29
N THR C 278 35.51 -22.20 -1.02
CA THR C 278 36.46 -23.23 -1.46
C THR C 278 37.89 -22.87 -1.00
N LEU C 279 38.23 -21.59 -1.07
CA LEU C 279 39.55 -21.10 -0.68
C LEU C 279 39.85 -21.24 0.82
N PHE C 280 38.83 -21.51 1.63
CA PHE C 280 39.05 -21.69 3.05
C PHE C 280 39.97 -22.90 3.25
N SER C 281 39.73 -23.96 2.47
CA SER C 281 40.53 -25.18 2.57
C SER C 281 41.36 -25.61 1.34
N SER C 282 41.16 -24.95 0.21
CA SER C 282 41.90 -25.22 -1.02
C SER C 282 42.70 -24.00 -1.41
N THR C 283 43.79 -24.19 -2.14
CA THR C 283 44.63 -23.08 -2.55
C THR C 283 44.19 -22.45 -3.88
N GLN C 284 43.23 -23.08 -4.54
CA GLN C 284 42.72 -22.57 -5.80
C GLN C 284 41.24 -22.94 -5.97
N ALA C 285 40.52 -22.11 -6.72
CA ALA C 285 39.11 -22.36 -6.99
C ALA C 285 38.83 -22.10 -8.46
N SER C 286 38.05 -22.98 -9.10
CA SER C 286 37.71 -22.79 -10.51
C SER C 286 36.26 -22.39 -10.63
N ILE C 287 35.96 -21.59 -11.65
CA ILE C 287 34.64 -21.10 -11.91
C ILE C 287 34.34 -21.30 -13.39
N GLU C 288 33.19 -21.91 -13.68
CA GLU C 288 32.76 -22.08 -15.06
C GLU C 288 31.33 -21.57 -15.18
N ILE C 289 31.16 -20.44 -15.88
CA ILE C 289 29.85 -19.83 -16.08
C ILE C 289 29.59 -19.77 -17.58
N ASP C 290 28.71 -20.63 -18.09
CA ASP C 290 28.40 -20.57 -19.51
C ASP C 290 27.56 -19.34 -19.83
N SER C 291 27.83 -18.70 -20.98
CA SER C 291 27.01 -17.61 -21.51
C SER C 291 26.79 -16.55 -20.41
N LEU C 292 27.89 -16.09 -19.81
CA LEU C 292 27.79 -15.09 -18.75
C LEU C 292 27.20 -13.77 -19.29
N TYR C 293 27.70 -13.32 -20.45
CA TYR C 293 27.30 -12.03 -21.00
C TYR C 293 27.55 -12.05 -22.48
N GLU C 294 26.53 -11.62 -23.26
CA GLU C 294 26.58 -11.62 -24.72
C GLU C 294 27.07 -12.98 -25.29
N GLY C 295 26.59 -14.06 -24.66
CA GLY C 295 26.87 -15.43 -25.03
C GLY C 295 28.27 -15.94 -24.73
N ILE C 296 29.12 -15.10 -24.09
CA ILE C 296 30.50 -15.49 -23.81
C ILE C 296 30.59 -16.36 -22.57
N ASP C 297 31.26 -17.52 -22.67
CA ASP C 297 31.47 -18.42 -21.52
C ASP C 297 32.63 -17.87 -20.72
N PHE C 298 32.49 -17.85 -19.38
CA PHE C 298 33.55 -17.34 -18.53
C PHE C 298 34.10 -18.48 -17.68
N TYR C 299 35.24 -19.01 -18.10
CA TYR C 299 35.93 -20.11 -17.43
C TYR C 299 37.20 -19.51 -16.87
N THR C 300 37.28 -19.47 -15.55
CA THR C 300 38.44 -18.85 -14.92
C THR C 300 38.76 -19.54 -13.62
N SER C 301 39.72 -18.97 -12.89
CA SER C 301 40.10 -19.51 -11.61
C SER C 301 40.70 -18.38 -10.80
N ILE C 302 40.80 -18.64 -9.51
CA ILE C 302 41.43 -17.70 -8.59
C ILE C 302 42.20 -18.49 -7.53
N THR C 303 43.42 -18.07 -7.25
CA THR C 303 44.22 -18.72 -6.20
C THR C 303 43.88 -18.06 -4.86
N ARG C 304 44.19 -18.77 -3.77
CA ARG C 304 44.01 -18.21 -2.43
C ARG C 304 44.89 -16.94 -2.33
N ALA C 305 46.12 -16.98 -2.92
CA ALA C 305 47.04 -15.83 -2.87
C ALA C 305 46.42 -14.58 -3.53
N ARG C 306 45.78 -14.77 -4.70
CA ARG C 306 45.12 -13.65 -5.40
C ARG C 306 43.95 -13.12 -4.58
N PHE C 307 43.13 -14.02 -4.00
CA PHE C 307 42.02 -13.64 -3.12
C PHE C 307 42.55 -12.77 -1.96
N GLU C 308 43.69 -13.19 -1.36
CA GLU C 308 44.31 -12.50 -0.22
C GLU C 308 44.80 -11.09 -0.65
N GLU C 309 45.38 -10.99 -1.87
CA GLU C 309 45.87 -9.70 -2.39
C GLU C 309 44.74 -8.70 -2.62
N LEU C 310 43.64 -9.17 -3.24
CA LEU C 310 42.46 -8.32 -3.55
C LEU C 310 41.85 -7.72 -2.28
N ASN C 311 41.96 -8.47 -1.19
CA ASN C 311 41.40 -8.08 0.12
C ASN C 311 42.44 -7.64 1.17
N ALA C 312 43.72 -7.45 0.78
CA ALA C 312 44.82 -7.19 1.72
C ALA C 312 44.56 -6.08 2.70
N ASP C 313 44.02 -4.93 2.24
CA ASP C 313 43.74 -3.78 3.12
C ASP C 313 42.65 -4.08 4.13
N LEU C 314 41.61 -4.80 3.68
CA LEU C 314 40.49 -5.17 4.57
C LEU C 314 40.93 -6.16 5.63
N PHE C 315 41.74 -7.17 5.25
CA PHE C 315 42.22 -8.18 6.22
C PHE C 315 43.17 -7.52 7.21
N ARG C 316 44.14 -6.75 6.70
CA ARG C 316 45.08 -6.07 7.59
C ARG C 316 44.37 -5.10 8.55
N GLY C 317 43.32 -4.46 8.06
CA GLY C 317 42.54 -3.49 8.84
C GLY C 317 41.84 -4.11 10.05
N THR C 318 41.67 -5.46 10.06
CA THR C 318 41.04 -6.11 11.22
C THR C 318 41.90 -6.02 12.48
N LEU C 319 43.21 -5.76 12.33
CA LEU C 319 44.11 -5.62 13.49
C LEU C 319 44.00 -4.28 14.18
N ASP C 320 43.42 -3.25 13.50
CA ASP C 320 43.25 -1.93 14.11
C ASP C 320 42.28 -1.97 15.32
N PRO C 321 41.06 -2.55 15.21
CA PRO C 321 40.21 -2.70 16.40
C PRO C 321 40.86 -3.60 17.46
N VAL C 322 41.71 -4.58 17.06
CA VAL C 322 42.41 -5.43 18.05
C VAL C 322 43.32 -4.51 18.88
N GLU C 323 44.11 -3.67 18.20
CA GLU C 323 45.00 -2.73 18.90
C GLU C 323 44.21 -1.75 19.76
N LYS C 324 43.08 -1.25 19.24
CA LYS C 324 42.23 -0.30 19.95
C LYS C 324 41.62 -0.94 21.23
N ALA C 325 41.11 -2.19 21.12
CA ALA C 325 40.55 -2.91 22.27
C ALA C 325 41.62 -3.13 23.34
N LEU C 326 42.87 -3.48 22.91
CA LEU C 326 43.99 -3.70 23.84
C LEU C 326 44.33 -2.41 24.58
N ARG C 327 44.37 -1.26 23.84
CA ARG C 327 44.60 0.06 24.43
C ARG C 327 43.53 0.38 25.47
N ASP C 328 42.25 0.23 25.09
CA ASP C 328 41.10 0.51 25.98
C ASP C 328 41.06 -0.39 27.23
N ALA C 329 41.53 -1.63 27.10
CA ALA C 329 41.56 -2.59 28.21
C ALA C 329 42.82 -2.39 29.08
N LYS C 330 43.75 -1.52 28.62
CA LYS C 330 45.04 -1.22 29.27
C LYS C 330 45.91 -2.49 29.39
N LEU C 331 45.92 -3.29 28.29
CA LEU C 331 46.67 -4.54 28.21
C LEU C 331 47.64 -4.55 27.04
N ASP C 332 48.78 -5.22 27.23
CA ASP C 332 49.73 -5.49 26.17
C ASP C 332 49.20 -6.75 25.50
N LYS C 333 49.50 -6.95 24.21
CA LYS C 333 49.06 -8.17 23.50
C LYS C 333 49.58 -9.46 24.15
N SER C 334 50.76 -9.39 24.84
CA SER C 334 51.35 -10.53 25.55
C SER C 334 50.54 -10.93 26.79
N GLN C 335 49.61 -10.06 27.24
CA GLN C 335 48.78 -10.35 28.42
C GLN C 335 47.48 -11.08 28.07
N ILE C 336 47.28 -11.39 26.79
CA ILE C 336 46.08 -12.11 26.40
C ILE C 336 46.31 -13.62 26.51
N HIS C 337 45.62 -14.25 27.45
CA HIS C 337 45.69 -15.69 27.66
C HIS C 337 45.02 -16.58 26.61
N ASP C 338 43.86 -16.14 26.12
CA ASP C 338 43.10 -16.90 25.13
C ASP C 338 42.58 -16.03 23.98
N ILE C 339 42.65 -16.57 22.77
CA ILE C 339 42.14 -15.87 21.58
C ILE C 339 41.10 -16.81 20.99
N VAL C 340 39.90 -16.30 20.76
CA VAL C 340 38.77 -17.07 20.23
C VAL C 340 38.32 -16.50 18.89
N LEU C 341 38.12 -17.39 17.90
CA LEU C 341 37.64 -16.98 16.58
C LEU C 341 36.16 -17.29 16.45
N VAL C 342 35.36 -16.30 16.14
CA VAL C 342 33.91 -16.42 15.98
C VAL C 342 33.55 -15.77 14.64
N GLY C 343 32.49 -16.26 13.98
CA GLY C 343 32.05 -15.67 12.72
C GLY C 343 32.63 -16.35 11.50
N GLY C 344 31.82 -16.54 10.48
CA GLY C 344 32.26 -17.31 9.32
C GLY C 344 33.50 -16.83 8.60
N SER C 345 33.76 -15.51 8.56
CA SER C 345 34.97 -15.00 7.89
C SER C 345 36.27 -15.38 8.57
N THR C 346 36.20 -15.84 9.86
CA THR C 346 37.44 -16.27 10.53
C THR C 346 37.96 -17.61 9.98
N ARG C 347 37.22 -18.22 9.05
CA ARG C 347 37.65 -19.44 8.36
C ARG C 347 38.74 -19.10 7.34
N ILE C 348 38.89 -17.80 7.01
CA ILE C 348 39.91 -17.36 6.05
C ILE C 348 41.31 -17.54 6.65
N PRO C 349 42.14 -18.44 6.04
CA PRO C 349 43.49 -18.69 6.59
C PRO C 349 44.33 -17.44 6.77
N LYS C 350 44.24 -16.46 5.85
CA LYS C 350 45.01 -15.23 5.98
C LYS C 350 44.62 -14.46 7.25
N ILE C 351 43.32 -14.43 7.56
CA ILE C 351 42.85 -13.72 8.78
C ILE C 351 43.42 -14.39 10.02
N GLN C 352 43.39 -15.74 10.04
CA GLN C 352 43.94 -16.52 11.16
C GLN C 352 45.43 -16.27 11.29
N LYS C 353 46.16 -16.28 10.15
CA LYS C 353 47.60 -16.04 10.11
C LYS C 353 47.94 -14.64 10.64
N LEU C 354 47.22 -13.59 10.18
CA LEU C 354 47.47 -12.21 10.62
C LEU C 354 47.28 -12.07 12.13
N LEU C 355 46.24 -12.71 12.67
CA LEU C 355 45.95 -12.65 14.11
C LEU C 355 46.96 -13.48 14.93
N GLN C 356 47.29 -14.70 14.47
CA GLN C 356 48.28 -15.52 15.14
C GLN C 356 49.67 -14.84 15.14
N ASP C 357 50.09 -14.24 14.00
CA ASP C 357 51.36 -13.50 13.89
C ASP C 357 51.37 -12.30 14.82
N PHE C 358 50.23 -11.56 14.88
CA PHE C 358 50.11 -10.41 15.79
C PHE C 358 50.35 -10.84 17.24
N PHE C 359 49.83 -12.02 17.63
CA PHE C 359 49.97 -12.55 18.98
C PHE C 359 51.20 -13.45 19.14
N ASN C 360 52.23 -13.22 18.31
CA ASN C 360 53.51 -13.92 18.32
C ASN C 360 53.42 -15.46 18.34
N GLY C 361 52.64 -16.01 17.41
CA GLY C 361 52.51 -17.46 17.24
C GLY C 361 51.54 -18.17 18.17
N LYS C 362 50.85 -17.44 19.05
CA LYS C 362 49.89 -18.01 19.97
C LYS C 362 48.77 -18.77 19.25
N GLU C 363 48.48 -20.01 19.68
CA GLU C 363 47.43 -20.87 19.10
C GLU C 363 46.08 -20.24 19.34
N LEU C 364 45.18 -20.35 18.36
CA LEU C 364 43.84 -19.76 18.41
C LEU C 364 42.81 -20.82 18.75
N ASN C 365 41.76 -20.43 19.51
CA ASN C 365 40.62 -21.29 19.80
C ASN C 365 39.70 -21.14 18.57
N LYS C 366 39.66 -22.20 17.75
CA LYS C 366 38.95 -22.15 16.47
C LYS C 366 38.25 -23.46 16.08
N SER C 367 38.39 -24.53 16.89
CA SER C 367 37.83 -25.84 16.56
C SER C 367 36.30 -25.87 16.46
N ILE C 368 35.59 -24.98 17.17
CA ILE C 368 34.12 -24.95 17.13
C ILE C 368 33.70 -24.18 15.90
N ASN C 369 32.72 -24.68 15.16
CA ASN C 369 32.30 -24.01 13.95
C ASN C 369 32.05 -22.55 14.32
N PRO C 370 32.73 -21.65 13.61
CA PRO C 370 32.63 -20.21 13.91
C PRO C 370 31.22 -19.61 13.80
N ASP C 371 30.42 -20.10 12.86
CA ASP C 371 29.06 -19.65 12.68
C ASP C 371 28.15 -20.08 13.82
N GLU C 372 28.58 -21.11 14.54
CA GLU C 372 27.77 -21.75 15.59
C GLU C 372 28.24 -21.54 17.01
N ALA C 373 29.49 -21.09 17.20
CA ALA C 373 30.10 -20.99 18.54
C ALA C 373 29.28 -20.19 19.58
N VAL C 374 28.67 -19.07 19.17
CA VAL C 374 27.86 -18.25 20.09
C VAL C 374 26.60 -19.00 20.52
N ALA C 375 25.88 -19.62 19.59
CA ALA C 375 24.72 -20.44 19.97
C ALA C 375 25.17 -21.62 20.83
N TYR C 376 26.35 -22.18 20.52
CA TYR C 376 26.92 -23.31 21.27
C TYR C 376 27.08 -22.91 22.75
N GLY C 377 27.73 -21.75 22.98
CA GLY C 377 27.94 -21.24 24.33
C GLY C 377 26.64 -20.93 25.04
N ALA C 378 25.68 -20.32 24.29
CA ALA C 378 24.35 -19.99 24.84
C ALA C 378 23.63 -21.29 25.26
N ALA C 379 23.75 -22.37 24.47
CA ALA C 379 23.11 -23.67 24.78
C ALA C 379 23.73 -24.30 26.05
N VAL C 380 25.06 -24.17 26.20
CA VAL C 380 25.79 -24.61 27.41
C VAL C 380 25.23 -23.82 28.61
N GLN C 381 25.17 -22.49 28.49
CA GLN C 381 24.63 -21.61 29.55
C GLN C 381 23.18 -21.98 29.91
N ALA C 382 22.34 -22.26 28.88
CA ALA C 382 20.95 -22.63 29.09
C ALA C 382 20.84 -23.91 29.90
N ALA C 383 21.72 -24.90 29.62
CA ALA C 383 21.72 -26.17 30.35
C ALA C 383 22.14 -25.94 31.81
N ILE C 384 23.13 -25.07 32.05
CA ILE C 384 23.62 -24.71 33.38
C ILE C 384 22.49 -24.04 34.18
N LEU C 385 21.70 -23.17 33.55
CA LEU C 385 20.63 -22.44 34.22
C LEU C 385 19.34 -23.27 34.42
N SER C 386 19.27 -24.48 33.84
CA SER C 386 18.13 -25.39 33.98
C SER C 386 18.14 -26.13 35.31
N SER D 5 37.22 -41.19 -22.48
CA SER D 5 36.14 -41.75 -23.31
C SER D 5 34.99 -42.39 -22.48
N ASN D 6 33.87 -41.65 -22.27
CA ASN D 6 32.71 -42.12 -21.46
C ASN D 6 33.14 -42.67 -20.12
N SER D 7 33.55 -41.78 -19.25
CA SER D 7 33.90 -42.22 -17.92
C SER D 7 32.61 -42.44 -17.12
N PRO D 8 32.61 -43.43 -16.20
CA PRO D 8 31.43 -43.57 -15.32
C PRO D 8 31.19 -42.31 -14.50
N GLN D 9 32.27 -41.52 -14.17
CA GLN D 9 32.07 -40.28 -13.42
C GLN D 9 31.19 -39.27 -14.18
N GLU D 10 31.28 -39.26 -15.54
CA GLU D 10 30.44 -38.36 -16.33
C GLU D 10 28.93 -38.65 -16.16
N GLU D 11 28.59 -39.91 -15.86
CA GLU D 11 27.18 -40.27 -15.64
C GLU D 11 26.59 -39.52 -14.45
N VAL D 12 27.42 -39.23 -13.43
CA VAL D 12 26.98 -38.48 -12.25
C VAL D 12 26.59 -37.05 -12.69
N GLU D 13 27.43 -36.44 -13.53
CA GLU D 13 27.18 -35.06 -13.99
C GLU D 13 25.98 -35.01 -14.91
N LEU D 14 25.84 -36.03 -15.78
CA LEU D 14 24.71 -36.07 -16.70
C LEU D 14 23.40 -36.22 -15.94
N LYS D 15 23.40 -37.02 -14.86
CA LYS D 15 22.22 -37.21 -14.03
C LYS D 15 21.86 -35.85 -13.36
N LYS D 16 22.85 -35.09 -12.86
CA LYS D 16 22.63 -33.77 -12.25
C LYS D 16 21.97 -32.85 -13.29
N LEU D 17 22.49 -32.86 -14.53
CA LEU D 17 21.96 -32.03 -15.62
C LEU D 17 20.55 -32.43 -16.02
N LYS D 18 20.24 -33.75 -16.02
CA LYS D 18 18.88 -34.23 -16.31
C LYS D 18 17.87 -33.73 -15.28
N HIS D 19 18.26 -33.74 -13.99
N HIS D 19 18.25 -33.75 -14.01
CA HIS D 19 17.43 -33.25 -12.89
CA HIS D 19 17.38 -33.23 -12.97
C HIS D 19 17.12 -31.78 -13.14
C HIS D 19 17.12 -31.74 -13.11
N LEU D 20 18.17 -31.01 -13.50
CA LEU D 20 18.06 -29.57 -13.76
C LEU D 20 17.19 -29.33 -14.99
N GLU D 21 17.32 -30.16 -16.04
CA GLU D 21 16.45 -30.07 -17.22
C GLU D 21 14.98 -30.25 -16.82
N LYS D 22 14.68 -31.26 -15.96
CA LYS D 22 13.31 -31.51 -15.49
C LYS D 22 12.79 -30.32 -14.70
N SER D 23 13.64 -29.73 -13.83
CA SER D 23 13.31 -28.55 -13.03
C SER D 23 13.00 -27.37 -13.95
N VAL D 24 13.77 -27.20 -15.03
CA VAL D 24 13.54 -26.14 -16.02
C VAL D 24 12.19 -26.33 -16.73
N GLU D 25 11.86 -27.58 -17.10
CA GLU D 25 10.60 -27.91 -17.75
C GLU D 25 9.40 -27.48 -16.90
N LYS D 26 9.47 -27.71 -15.57
CA LYS D 26 8.41 -27.32 -14.63
C LYS D 26 8.26 -25.80 -14.60
N ILE D 27 9.37 -25.04 -14.56
CA ILE D 27 9.29 -23.58 -14.52
C ILE D 27 8.75 -23.09 -15.88
N ALA D 28 9.16 -23.73 -16.99
CA ALA D 28 8.69 -23.35 -18.33
C ALA D 28 7.18 -23.52 -18.44
N ASP D 29 6.63 -24.57 -17.77
CA ASP D 29 5.18 -24.83 -17.71
C ASP D 29 4.47 -23.63 -17.06
N GLN D 30 5.09 -23.07 -15.99
CA GLN D 30 4.58 -21.90 -15.25
C GLN D 30 4.59 -20.69 -16.17
N LEU D 31 5.68 -20.51 -16.95
CA LEU D 31 5.82 -19.40 -17.89
C LEU D 31 4.72 -19.52 -18.96
N GLU D 32 4.51 -20.74 -19.47
CA GLU D 32 3.51 -21.02 -20.49
C GLU D 32 2.10 -20.62 -19.99
N GLU D 33 1.76 -20.94 -18.71
CA GLU D 33 0.47 -20.55 -18.11
C GLU D 33 0.36 -19.04 -17.94
N LEU D 34 1.47 -18.36 -17.58
CA LEU D 34 1.51 -16.90 -17.49
C LEU D 34 1.24 -16.27 -18.85
N ASN D 35 1.93 -16.79 -19.90
CA ASN D 35 1.80 -16.35 -21.28
C ASN D 35 0.35 -16.47 -21.76
N LYS D 36 -0.32 -17.59 -21.42
CA LYS D 36 -1.73 -17.85 -21.77
C LYS D 36 -2.68 -16.96 -20.95
N GLU D 37 -2.38 -16.73 -19.66
CA GLU D 37 -3.20 -15.84 -18.82
C GLU D 37 -3.09 -14.42 -19.28
N LEU D 38 -1.88 -13.99 -19.70
CA LEU D 38 -1.60 -12.68 -20.27
C LEU D 38 -2.53 -12.50 -21.48
N THR D 39 -2.46 -13.41 -22.49
CA THR D 39 -3.30 -13.41 -23.72
C THR D 39 -4.79 -13.44 -23.36
N GLY D 40 -5.14 -14.28 -22.38
CA GLY D 40 -6.50 -14.45 -21.87
C GLY D 40 -7.10 -13.15 -21.36
N ILE D 41 -6.28 -12.34 -20.64
CA ILE D 41 -6.69 -11.03 -20.14
C ILE D 41 -6.86 -10.02 -21.31
N GLN D 42 -5.87 -9.94 -22.23
CA GLN D 42 -5.88 -9.02 -23.37
C GLN D 42 -7.01 -9.31 -24.34
N GLN D 43 -7.35 -10.59 -24.55
CA GLN D 43 -8.39 -11.00 -25.50
C GLN D 43 -9.72 -11.45 -24.83
N GLY D 44 -9.78 -11.37 -23.50
CA GLY D 44 -10.92 -11.77 -22.70
C GLY D 44 -12.07 -10.79 -22.60
N PHE D 45 -12.90 -10.94 -21.58
CA PHE D 45 -14.12 -10.18 -21.34
C PHE D 45 -13.98 -8.99 -20.40
N LEU D 46 -12.79 -8.78 -19.81
CA LEU D 46 -12.66 -7.66 -18.88
C LEU D 46 -12.79 -6.34 -19.60
N PRO D 47 -13.54 -5.37 -19.03
CA PRO D 47 -13.58 -4.04 -19.66
C PRO D 47 -12.15 -3.53 -19.81
N LYS D 48 -11.82 -2.98 -21.01
CA LYS D 48 -10.46 -2.49 -21.34
C LYS D 48 -9.85 -1.65 -20.21
N ASP D 49 -10.72 -0.98 -19.43
CA ASP D 49 -10.38 -0.16 -18.29
C ASP D 49 -9.79 -0.94 -17.10
N LEU D 50 -10.21 -2.23 -16.89
CA LEU D 50 -9.80 -3.11 -15.78
C LEU D 50 -8.72 -4.14 -16.18
N GLN D 51 -8.38 -4.20 -17.47
CA GLN D 51 -7.36 -5.11 -17.97
C GLN D 51 -5.97 -4.79 -17.42
N ALA D 52 -5.60 -3.50 -17.30
CA ALA D 52 -4.30 -3.06 -16.75
C ALA D 52 -4.07 -3.65 -15.33
N GLU D 53 -5.10 -3.60 -14.46
CA GLU D 53 -5.05 -4.15 -13.11
C GLU D 53 -4.85 -5.68 -13.11
N ALA D 54 -5.60 -6.39 -13.96
CA ALA D 54 -5.47 -7.85 -14.08
C ALA D 54 -4.07 -8.26 -14.55
N LEU D 55 -3.48 -7.50 -15.50
CA LEU D 55 -2.13 -7.74 -16.03
C LEU D 55 -1.12 -7.49 -14.93
N CYS D 56 -1.25 -6.38 -14.19
CA CYS D 56 -0.25 -6.10 -13.14
C CYS D 56 -0.31 -7.13 -12.00
N LYS D 57 -1.45 -7.84 -11.81
CA LYS D 57 -1.58 -8.90 -10.81
C LYS D 57 -0.71 -10.13 -11.13
N LEU D 58 -0.19 -10.24 -12.36
CA LEU D 58 0.72 -11.30 -12.81
C LEU D 58 2.16 -10.99 -12.41
N ASP D 59 2.45 -9.75 -11.94
CA ASP D 59 3.79 -9.32 -11.55
C ASP D 59 4.48 -10.28 -10.57
N ARG D 60 3.79 -10.65 -9.47
CA ARG D 60 4.38 -11.55 -8.48
C ARG D 60 4.81 -12.87 -9.14
N ARG D 61 3.91 -13.48 -9.93
CA ARG D 61 4.21 -14.75 -10.58
C ARG D 61 5.34 -14.64 -11.59
N VAL D 62 5.39 -13.57 -12.42
N VAL D 62 5.38 -13.57 -12.39
CA VAL D 62 6.49 -13.46 -13.39
CA VAL D 62 6.45 -13.39 -13.36
C VAL D 62 7.81 -13.28 -12.65
C VAL D 62 7.79 -13.26 -12.65
N LYS D 63 7.84 -12.47 -11.58
CA LYS D 63 9.08 -12.29 -10.81
C LYS D 63 9.49 -13.62 -10.16
N ALA D 64 8.52 -14.42 -9.68
CA ALA D 64 8.82 -15.73 -9.05
C ALA D 64 9.41 -16.66 -10.13
N THR D 65 8.87 -16.60 -11.35
CA THR D 65 9.36 -17.43 -12.47
C THR D 65 10.81 -17.06 -12.81
N ILE D 66 11.09 -15.74 -12.95
CA ILE D 66 12.43 -15.23 -13.21
C ILE D 66 13.38 -15.73 -12.13
N GLU D 67 12.99 -15.58 -10.86
CA GLU D 67 13.83 -16.00 -9.74
C GLU D 67 14.11 -17.51 -9.79
N GLN D 68 13.10 -18.33 -10.13
CA GLN D 68 13.32 -19.79 -10.23
C GLN D 68 14.34 -20.09 -11.31
N PHE D 69 14.28 -19.38 -12.44
CA PHE D 69 15.26 -19.59 -13.52
C PHE D 69 16.64 -19.16 -13.07
N MET D 70 16.74 -18.03 -12.35
CA MET D 70 18.03 -17.55 -11.86
C MET D 70 18.65 -18.57 -10.90
N LYS D 71 17.82 -19.21 -10.05
CA LYS D 71 18.33 -20.22 -9.12
C LYS D 71 18.85 -21.44 -9.87
N ILE D 72 18.21 -21.77 -11.01
CA ILE D 72 18.68 -22.87 -11.85
C ILE D 72 20.05 -22.50 -12.41
N LEU D 73 20.19 -21.29 -12.97
CA LEU D 73 21.48 -20.86 -13.49
C LEU D 73 22.57 -20.93 -12.43
N GLU D 74 22.26 -20.50 -11.21
CA GLU D 74 23.25 -20.53 -10.13
C GLU D 74 23.67 -21.97 -9.80
N GLU D 75 22.72 -22.90 -9.84
CA GLU D 75 23.03 -24.30 -9.59
C GLU D 75 23.90 -24.87 -10.75
N ILE D 76 23.54 -24.57 -12.01
CA ILE D 76 24.33 -25.02 -13.16
C ILE D 76 25.78 -24.46 -13.03
N ASP D 77 25.90 -23.19 -12.56
CA ASP D 77 27.19 -22.49 -12.39
C ASP D 77 28.13 -23.15 -11.36
N THR D 78 27.63 -24.12 -10.58
CA THR D 78 28.46 -24.84 -9.59
C THR D 78 29.19 -26.02 -10.23
N LEU D 79 28.79 -26.40 -11.44
CA LEU D 79 29.43 -27.51 -12.13
C LEU D 79 30.79 -27.18 -12.72
N ILE D 80 31.71 -28.12 -12.59
CA ILE D 80 33.01 -28.00 -13.20
C ILE D 80 33.09 -29.23 -14.06
N LEU D 81 33.20 -29.06 -15.37
CA LEU D 81 33.25 -30.20 -16.24
C LEU D 81 34.52 -30.18 -17.06
N PRO D 82 35.36 -31.19 -16.89
CA PRO D 82 36.61 -31.23 -17.67
C PRO D 82 36.34 -31.37 -19.17
N GLU D 83 37.32 -30.98 -20.00
CA GLU D 83 37.22 -31.00 -21.46
C GLU D 83 36.77 -32.35 -22.04
N ASN D 84 37.18 -33.44 -21.39
CA ASN D 84 36.81 -34.79 -21.80
C ASN D 84 35.32 -35.09 -21.61
N PHE D 85 34.67 -34.36 -20.72
CA PHE D 85 33.24 -34.54 -20.50
C PHE D 85 32.51 -33.73 -21.56
N LYS D 86 32.66 -34.14 -22.81
CA LYS D 86 32.03 -33.45 -23.94
C LYS D 86 30.51 -33.45 -23.93
N ASP D 87 29.90 -34.60 -23.66
CA ASP D 87 28.44 -34.68 -23.60
C ASP D 87 27.84 -33.80 -22.48
N SER D 88 28.50 -33.78 -21.29
CA SER D 88 28.06 -32.96 -20.15
C SER D 88 28.19 -31.45 -20.49
N ARG D 89 29.30 -31.07 -21.12
CA ARG D 89 29.52 -29.66 -21.52
C ARG D 89 28.49 -29.22 -22.53
N LEU D 90 28.15 -30.10 -23.52
CA LEU D 90 27.13 -29.76 -24.50
C LEU D 90 25.75 -29.61 -23.83
N LYS D 91 25.43 -30.50 -22.91
CA LYS D 91 24.15 -30.48 -22.20
C LYS D 91 24.06 -29.23 -21.33
N ARG D 92 25.17 -28.89 -20.66
CA ARG D 92 25.21 -27.70 -19.81
C ARG D 92 24.98 -26.43 -20.67
N LYS D 93 25.69 -26.34 -21.80
CA LYS D 93 25.57 -25.20 -22.72
C LYS D 93 24.13 -25.05 -23.23
N GLY D 94 23.54 -26.16 -23.71
CA GLY D 94 22.19 -26.19 -24.22
C GLY D 94 21.17 -25.75 -23.19
N LEU D 95 21.36 -26.24 -21.94
CA LEU D 95 20.44 -25.91 -20.84
C LEU D 95 20.54 -24.43 -20.46
N VAL D 96 21.76 -23.89 -20.35
CA VAL D 96 21.89 -22.46 -20.02
C VAL D 96 21.23 -21.62 -21.12
N LYS D 97 21.48 -21.96 -22.39
CA LYS D 97 20.87 -21.23 -23.53
C LYS D 97 19.32 -21.30 -23.44
N LYS D 98 18.76 -22.47 -23.14
CA LYS D 98 17.32 -22.66 -23.01
C LYS D 98 16.78 -21.77 -21.87
N VAL D 99 17.49 -21.75 -20.73
CA VAL D 99 17.06 -20.93 -19.58
C VAL D 99 17.11 -19.45 -19.94
N GLN D 100 18.21 -19.03 -20.61
CA GLN D 100 18.33 -17.64 -21.02
C GLN D 100 17.21 -17.22 -22.01
N ALA D 101 16.84 -18.10 -22.95
CA ALA D 101 15.72 -17.79 -23.87
C ALA D 101 14.41 -17.67 -23.05
N PHE D 102 14.20 -18.54 -22.05
CA PHE D 102 12.99 -18.41 -21.19
C PHE D 102 13.01 -17.11 -20.39
N LEU D 103 14.19 -16.70 -19.92
CA LEU D 103 14.31 -15.45 -19.16
C LEU D 103 13.96 -14.26 -20.09
N ALA D 104 14.37 -14.34 -21.37
CA ALA D 104 14.04 -13.30 -22.34
C ALA D 104 12.50 -13.24 -22.52
N GLU D 105 11.80 -14.41 -22.49
CA GLU D 105 10.33 -14.46 -22.58
C GLU D 105 9.72 -13.82 -21.34
N CYS D 106 10.32 -14.08 -20.14
CA CYS D 106 9.88 -13.48 -18.89
C CYS D 106 10.00 -11.97 -19.00
N ASP D 107 11.14 -11.48 -19.56
CA ASP D 107 11.37 -10.04 -19.75
C ASP D 107 10.31 -9.43 -20.67
N THR D 108 9.88 -10.18 -21.70
CA THR D 108 8.79 -9.74 -22.59
C THR D 108 7.49 -9.61 -21.78
N VAL D 109 7.20 -10.55 -20.89
CA VAL D 109 5.98 -10.49 -20.06
C VAL D 109 6.04 -9.21 -19.19
N GLU D 110 7.19 -8.96 -18.55
CA GLU D 110 7.42 -7.77 -17.73
C GLU D 110 7.24 -6.48 -18.54
N GLN D 111 7.58 -6.49 -19.86
CA GLN D 111 7.40 -5.31 -20.75
C GLN D 111 5.91 -5.09 -21.10
N ASN D 112 5.06 -6.09 -20.84
CA ASN D 112 3.65 -6.06 -21.21
C ASN D 112 2.67 -5.94 -20.03
N ILE D 113 3.21 -5.85 -18.81
CA ILE D 113 2.36 -5.71 -17.62
C ILE D 113 2.87 -4.53 -16.80
N CYS D 114 2.03 -3.95 -15.95
CA CYS D 114 2.38 -2.83 -15.05
C CYS D 114 2.96 -1.62 -15.82
N GLN D 115 2.56 -1.45 -17.09
CA GLN D 115 3.07 -0.35 -17.92
C GLN D 115 2.42 1.00 -17.60
N GLU D 116 3.07 2.04 -17.83
C TRS E . -17.83 16.38 4.53
C1 TRS E . -19.36 16.39 4.53
C2 TRS E . -17.31 16.40 3.08
C3 TRS E . -17.27 15.20 5.34
N TRS E . -17.36 17.65 5.20
O1 TRS E . -19.90 16.69 5.80
O2 TRS E . -16.12 15.63 2.89
O3 TRS E . -17.61 13.93 4.79
C TRS F . -27.77 16.86 -28.43
C1 TRS F . -27.10 17.23 -29.76
C2 TRS F . -26.73 16.47 -27.38
C3 TRS F . -28.79 15.73 -28.64
N TRS F . -28.49 18.08 -27.93
O1 TRS F . -28.07 17.59 -30.72
O2 TRS F . -25.93 15.39 -27.81
O3 TRS F . -29.24 15.22 -27.40
C1 GOL G . -15.25 12.85 -5.89
O1 GOL G . -15.30 13.30 -7.24
C2 GOL G . -16.45 13.33 -5.12
O2 GOL G . -16.80 12.34 -4.13
C3 GOL G . -16.07 14.63 -4.44
O3 GOL G . -17.00 14.96 -3.41
C1 GOL H . -16.77 10.15 25.59
O1 GOL H . -16.60 9.57 24.30
C2 GOL H . -18.11 9.77 26.18
O2 GOL H . -18.54 10.73 27.15
C3 GOL H . -18.10 8.38 26.78
O3 GOL H . -19.40 8.00 27.22
C1 GOL I . -17.54 -9.36 -37.43
O1 GOL I . -16.20 -9.74 -37.73
C2 GOL I . -17.54 -8.20 -36.48
O2 GOL I . -16.59 -7.22 -36.91
C3 GOL I . -18.92 -7.59 -36.44
O3 GOL I . -19.04 -6.66 -35.38
C1 GOL J . -52.02 25.75 -30.69
O1 GOL J . -53.29 25.22 -31.03
C2 GOL J . -51.01 24.66 -30.45
O2 GOL J . -49.72 25.23 -30.16
C3 GOL J . -51.47 23.86 -29.27
O3 GOL J . -50.71 22.69 -29.12
C TRS K . 27.51 -13.16 15.63
C1 TRS K . 25.99 -13.14 15.42
C2 TRS K . 28.21 -13.09 14.27
C3 TRS K . 27.93 -14.41 16.43
N TRS K . 27.90 -11.96 16.43
O1 TRS K . 25.28 -12.73 16.58
O2 TRS K . 29.41 -13.85 14.23
O3 TRS K . 27.55 -15.62 15.80
C TRS L . 22.48 -12.94 -18.48
C1 TRS L . 23.31 -12.57 -19.71
C2 TRS L . 23.37 -13.33 -17.30
C3 TRS L . 21.48 -14.05 -18.84
N TRS L . 21.69 -11.72 -18.08
O1 TRS L . 22.49 -12.04 -20.74
O2 TRS L . 24.20 -14.44 -17.60
O3 TRS L . 21.20 -14.90 -17.74
C1 GOL M . 30.91 -16.38 5.22
O1 GOL M . 32.25 -16.81 5.16
C2 GOL M . 30.53 -16.12 6.66
O2 GOL M . 29.68 -17.17 7.14
C3 GOL M . 29.87 -14.77 6.83
O3 GOL M . 29.31 -14.67 8.12
C1 GOL N . 33.30 -39.05 -25.56
O1 GOL N . 32.79 -40.36 -25.35
C2 GOL N . 33.15 -38.21 -24.31
O2 GOL N . 33.78 -38.88 -23.21
C3 GOL N . 31.68 -37.99 -24.02
O3 GOL N . 31.50 -36.91 -23.12
#